data_9SHD
#
_entry.id   9SHD
#
_cell.length_a   122.459
_cell.length_b   157.821
_cell.length_c   141.434
_cell.angle_alpha   90.000
_cell.angle_beta   90.000
_cell.angle_gamma   90.000
#
_symmetry.space_group_name_H-M   'C 2 2 21'
#
loop_
_entity.id
_entity.type
_entity.pdbx_description
1 polymer 'Heavy chain of Fab 10M2146'
2 polymer 'Light chain of Fab 10M2146'
3 polymer 'Anti-Fab VHH'
4 polymer 'Envelop protein OPG153'
5 water water
#
loop_
_entity_poly.entity_id
_entity_poly.type
_entity_poly.pdbx_seq_one_letter_code
_entity_poly.pdbx_strand_id
1 'polypeptide(L)'
;EVQLVQSGAEVKKPGESLKISCKGSGYSFTTHWIGWVRQMPGEGLEWLGIIYPGDSETKYSPSFQGQVTISVDKSINTAY
LHWSSLKASDTAMYFCARRPKNYYDASGYYNWLDPWGQGTLVTVSSASTKGPSVFPLAPSSKSTSGGTAALGCLVKDYFP
EPVTVSWNSGALTSGVHTFPAVLQSSGLYSLSSVVTVPSSSLGTQTYICNVNHKPSNTKVDKKVEPKS
;
H
2 'polypeptide(L)'
;EIQMTQSPSTLSASVGDRVTITCRASQSLSTWLAWYQQKPGKAPKLLIYKASILESGVPSRFSASGSGTEFTLTISGLQP
DDFATYYCQQYNSYLGAFGQGTKVEIKRTVAAPSVFIFPPSDEQLKSGTASVVCLLNNFYPREAKVQWKVDNALQSGNSQ
ESVTEQDSKDSTYSLSSTLTLSKADYEKHKVYACEVTHQGLSSPVTKSFNRGEC
;
L
3 'polypeptide(L)'
;GSQVQLQESGGGLVQPGGSLRLSCAASGRTISRYAMSWFRQAPGKEREFVAVARRSGDGAFYADSVQGRFTVSRDDAKNT
VYLQMNSLKPEDTAVYYCAIDSDTFYSGSYDYWGQGTQVTVSS
;
K
4 'polypeptide(L)'
;MANIINLWNGIVPTVQDVNVASITAFKSMIDETWDKKIEANTCISRKHRNIIHEVIRDFMKAYPKMDENKKSPLGAPMQW
LTQYYILKNEYHKTMLAYDNGSLNTKFKTLNIYMITNVGQYILYIVFCIISGKNHDGTPYIYDSEITSNDKNFINERIKY
ACKQILHGQLTIALRIRNKFMFIGSPMYLWFNVNGSQVYHDIYDRNAGFHNKEIGRLLYAFMYYLSISGRFLNDFALLKF
TYLGESWTFSLSVPEYILYGLGYSVFDTIEKFSNDAILVYIRTNNRNGYDYVEFNKKGIAKVTEDKPDNDKRIHAIRLIN
DSTDVQHIHFGFRNMVIIDNECANIQSSAENATDTGHHQDSKINIEVEDDVIDDDDYNPKPTPIPEPHPRPPFPRHEGSG
LVPRIGSGSAGWSHPQFEKGGGSGGGSGGGSWSHPQFEKGTGGLNDIFEAQKIEWHE
;
H0Z0
#
# COMPACT_ATOMS: atom_id res chain seq x y z
N GLU A 1 -14.85 -13.74 22.10
CA GLU A 1 -16.05 -13.45 21.32
C GLU A 1 -15.84 -13.89 19.86
N VAL A 2 -15.42 -12.96 18.99
CA VAL A 2 -14.96 -13.36 17.66
C VAL A 2 -13.56 -13.94 17.78
N GLN A 3 -13.34 -15.11 17.19
CA GLN A 3 -12.01 -15.71 17.08
C GLN A 3 -11.85 -16.36 15.72
N LEU A 4 -10.65 -16.24 15.15
CA LEU A 4 -10.19 -17.03 14.01
C LEU A 4 -9.06 -17.91 14.53
N VAL A 5 -9.27 -19.22 14.57
CA VAL A 5 -8.31 -20.17 15.15
C VAL A 5 -7.68 -20.98 14.01
N GLN A 6 -6.37 -20.83 13.83
CA GLN A 6 -5.67 -21.50 12.75
C GLN A 6 -5.04 -22.80 13.23
N SER A 7 -4.80 -23.71 12.28
CA SER A 7 -4.19 -24.99 12.62
C SER A 7 -2.71 -24.80 12.98
N GLY A 8 -2.09 -25.90 13.48
CA GLY A 8 -0.76 -25.82 14.08
C GLY A 8 0.36 -25.75 13.05
N ALA A 9 1.57 -25.45 13.55
CA ALA A 9 2.75 -25.34 12.69
C ALA A 9 2.94 -26.60 11.85
N GLU A 10 3.45 -26.40 10.63
CA GLU A 10 3.64 -27.50 9.69
C GLU A 10 5.11 -27.56 9.27
N VAL A 11 5.63 -28.78 9.13
CA VAL A 11 6.98 -29.01 8.65
C VAL A 11 6.85 -29.99 7.50
N LYS A 12 7.18 -29.55 6.28
CA LYS A 12 6.91 -30.31 5.07
C LYS A 12 8.12 -30.29 4.15
N LYS A 13 8.09 -31.14 3.12
CA LYS A 13 9.13 -31.17 2.10
C LYS A 13 8.60 -30.59 0.79
N PRO A 14 9.46 -30.00 -0.04
CA PRO A 14 9.02 -29.58 -1.38
C PRO A 14 8.35 -30.72 -2.12
N GLY A 15 7.31 -30.39 -2.89
CA GLY A 15 6.56 -31.39 -3.61
C GLY A 15 5.43 -32.03 -2.83
N GLU A 16 5.38 -31.87 -1.51
CA GLU A 16 4.30 -32.46 -0.73
C GLU A 16 3.08 -31.55 -0.78
N SER A 17 1.91 -32.14 -0.59
CA SER A 17 0.68 -31.35 -0.50
C SER A 17 0.42 -30.94 0.95
N LEU A 18 -0.40 -29.92 1.12
CA LEU A 18 -0.64 -29.37 2.45
C LEU A 18 -1.95 -28.60 2.42
N LYS A 19 -2.73 -28.77 3.47
CA LYS A 19 -3.96 -28.01 3.68
C LYS A 19 -3.96 -27.48 5.11
N ILE A 20 -4.01 -26.15 5.26
CA ILE A 20 -4.07 -25.53 6.57
C ILE A 20 -5.45 -24.89 6.73
N SER A 21 -5.84 -24.64 7.98
CA SER A 21 -7.23 -24.30 8.24
C SER A 21 -7.34 -23.05 9.12
N CYS A 22 -8.48 -22.38 8.97
CA CYS A 22 -8.85 -21.17 9.70
C CYS A 22 -10.30 -21.33 10.15
N LYS A 23 -10.51 -21.52 11.45
CA LYS A 23 -11.84 -21.76 12.01
C LYS A 23 -12.41 -20.47 12.59
N GLY A 24 -13.54 -20.01 12.05
CA GLY A 24 -14.15 -18.75 12.46
C GLY A 24 -15.33 -19.00 13.40
N SER A 25 -15.29 -18.33 14.55
CA SER A 25 -16.40 -18.44 15.51
C SER A 25 -16.78 -17.07 16.05
N GLY A 26 -18.04 -16.97 16.51
CA GLY A 26 -18.51 -15.76 17.16
C GLY A 26 -19.03 -14.69 16.22
N TYR A 27 -19.30 -15.03 14.96
CA TYR A 27 -19.82 -14.08 13.98
C TYR A 27 -20.50 -14.88 12.88
N SER A 28 -21.08 -14.19 11.91
CA SER A 28 -21.77 -14.86 10.80
C SER A 28 -20.75 -15.35 9.78
N PHE A 29 -20.39 -16.64 9.85
CA PHE A 29 -19.28 -17.15 9.04
C PHE A 29 -19.60 -17.10 7.56
N THR A 30 -20.83 -17.41 7.16
CA THR A 30 -21.16 -17.50 5.75
C THR A 30 -21.21 -16.14 5.07
N THR A 31 -21.25 -15.04 5.81
CA THR A 31 -21.43 -13.73 5.17
C THR A 31 -20.21 -12.83 5.30
N HIS A 32 -19.04 -13.38 5.68
CA HIS A 32 -17.80 -12.60 5.70
C HIS A 32 -16.75 -13.30 4.85
N TRP A 33 -16.12 -12.55 3.94
CA TRP A 33 -14.99 -13.11 3.19
C TRP A 33 -13.90 -13.54 4.15
N ILE A 34 -13.19 -14.61 3.79
CA ILE A 34 -11.94 -14.97 4.46
C ILE A 34 -10.81 -14.72 3.49
N GLY A 35 -9.77 -14.02 3.96
CA GLY A 35 -8.59 -13.76 3.16
C GLY A 35 -7.38 -14.44 3.78
N TRP A 36 -6.44 -14.82 2.93
CA TRP A 36 -5.19 -15.44 3.37
C TRP A 36 -4.04 -14.53 2.98
N VAL A 37 -3.13 -14.29 3.91
CA VAL A 37 -2.01 -13.38 3.71
C VAL A 37 -0.79 -14.01 4.35
N ARG A 38 0.37 -13.85 3.74
CA ARG A 38 1.54 -14.52 4.30
C ARG A 38 2.67 -13.52 4.57
N GLN A 39 3.59 -13.95 5.41
CA GLN A 39 4.70 -13.12 5.84
C GLN A 39 5.93 -14.01 5.84
N MET A 40 6.79 -13.82 4.85
CA MET A 40 7.98 -14.65 4.76
C MET A 40 8.95 -14.19 5.84
N PRO A 41 9.92 -15.09 6.24
CA PRO A 41 10.82 -14.73 7.33
C PRO A 41 11.50 -13.38 7.11
N GLY A 42 11.33 -12.48 8.08
CA GLY A 42 11.92 -11.16 8.00
C GLY A 42 11.32 -10.23 6.97
N GLU A 43 10.18 -10.55 6.37
CA GLU A 43 9.62 -9.71 5.32
C GLU A 43 8.29 -9.08 5.77
N GLY A 44 7.66 -8.37 4.85
CA GLY A 44 6.33 -7.82 5.05
C GLY A 44 5.24 -8.81 4.69
N LEU A 45 4.05 -8.28 4.35
CA LEU A 45 2.84 -9.07 4.20
C LEU A 45 2.38 -9.09 2.75
N GLU A 46 1.93 -10.25 2.26
CA GLU A 46 1.51 -10.41 0.87
C GLU A 46 0.25 -11.25 0.81
N TRP A 47 -0.81 -10.72 0.18
CA TRP A 47 -2.09 -11.45 0.05
C TRP A 47 -2.00 -12.56 -0.99
N LEU A 48 -2.63 -13.70 -0.69
CA LEU A 48 -2.77 -14.80 -1.64
C LEU A 48 -4.12 -14.80 -2.35
N GLY A 49 -5.20 -14.52 -1.63
CA GLY A 49 -6.52 -14.58 -2.23
C GLY A 49 -7.57 -14.67 -1.14
N ILE A 50 -8.83 -14.67 -1.57
CA ILE A 50 -9.98 -14.61 -0.66
C ILE A 50 -11.09 -15.52 -1.14
N ILE A 51 -11.99 -15.87 -0.21
CA ILE A 51 -13.15 -16.71 -0.50
C ILE A 51 -14.36 -16.18 0.26
N TYR A 52 -15.52 -16.21 -0.39
CA TYR A 52 -16.78 -15.88 0.26
C TYR A 52 -17.45 -17.19 0.66
N PRO A 53 -17.58 -17.49 1.96
CA PRO A 53 -17.99 -18.84 2.35
C PRO A 53 -19.43 -19.18 1.96
N GLY A 54 -20.31 -18.20 1.79
CA GLY A 54 -21.69 -18.51 1.46
C GLY A 54 -21.82 -19.31 0.17
N ASP A 55 -21.06 -18.94 -0.86
CA ASP A 55 -21.17 -19.63 -2.15
C ASP A 55 -19.82 -20.08 -2.69
N SER A 56 -18.75 -19.96 -1.89
CA SER A 56 -17.38 -20.35 -2.26
C SER A 56 -16.82 -19.58 -3.46
N GLU A 57 -17.31 -18.38 -3.73
CA GLU A 57 -16.67 -17.55 -4.74
C GLU A 57 -15.25 -17.17 -4.29
N THR A 58 -14.27 -17.36 -5.16
CA THR A 58 -12.87 -17.10 -4.82
C THR A 58 -12.28 -16.06 -5.75
N LYS A 59 -11.34 -15.29 -5.20
CA LYS A 59 -10.56 -14.32 -5.96
C LYS A 59 -9.09 -14.47 -5.56
N TYR A 60 -8.25 -14.88 -6.49
CA TYR A 60 -6.85 -15.17 -6.24
C TYR A 60 -6.00 -14.01 -6.74
N SER A 61 -5.01 -13.62 -5.95
CA SER A 61 -3.96 -12.80 -6.51
C SER A 61 -3.34 -13.49 -7.71
N PRO A 62 -3.05 -12.78 -8.81
CA PRO A 62 -2.42 -13.44 -9.95
C PRO A 62 -1.11 -14.14 -9.59
N SER A 63 -0.40 -13.70 -8.54
CA SER A 63 0.82 -14.37 -8.13
C SER A 63 0.57 -15.79 -7.62
N PHE A 64 -0.65 -16.10 -7.18
CA PHE A 64 -0.92 -17.40 -6.58
C PHE A 64 -1.96 -18.21 -7.32
N GLN A 65 -2.64 -17.62 -8.30
CA GLN A 65 -3.61 -18.31 -9.12
C GLN A 65 -3.01 -19.58 -9.74
N GLY A 66 -3.74 -20.68 -9.66
CA GLY A 66 -3.25 -21.94 -10.18
C GLY A 66 -2.23 -22.65 -9.31
N GLN A 67 -1.76 -22.03 -8.23
CA GLN A 67 -0.78 -22.66 -7.35
C GLN A 67 -1.31 -23.01 -5.98
N VAL A 68 -2.40 -22.38 -5.53
CA VAL A 68 -3.06 -22.76 -4.30
C VAL A 68 -4.55 -22.83 -4.59
N THR A 69 -5.27 -23.56 -3.73
CA THR A 69 -6.73 -23.57 -3.71
C THR A 69 -7.21 -23.12 -2.35
N ILE A 70 -8.14 -22.19 -2.33
CA ILE A 70 -8.85 -21.78 -1.12
C ILE A 70 -10.25 -22.39 -1.16
N SER A 71 -10.71 -22.93 -0.04
CA SER A 71 -12.01 -23.58 0.04
C SER A 71 -12.60 -23.34 1.43
N VAL A 72 -13.86 -23.76 1.61
CA VAL A 72 -14.51 -23.73 2.92
C VAL A 72 -15.32 -25.00 3.14
N ASP A 73 -15.47 -25.36 4.41
CA ASP A 73 -16.45 -26.32 4.91
C ASP A 73 -17.37 -25.55 5.85
N LYS A 74 -18.57 -25.21 5.36
CA LYS A 74 -19.51 -24.40 6.13
C LYS A 74 -19.97 -25.09 7.40
N SER A 75 -20.08 -26.43 7.38
CA SER A 75 -20.63 -27.15 8.52
C SER A 75 -19.76 -27.00 9.76
N ILE A 76 -18.48 -26.70 9.58
CA ILE A 76 -17.58 -26.51 10.71
C ILE A 76 -16.94 -25.13 10.68
N ASN A 77 -17.54 -24.18 9.96
CA ASN A 77 -17.07 -22.80 10.00
C ASN A 77 -15.57 -22.71 9.72
N THR A 78 -15.10 -23.48 8.75
CA THR A 78 -13.66 -23.58 8.48
C THR A 78 -13.33 -23.21 7.03
N ALA A 79 -12.33 -22.35 6.88
CA ALA A 79 -11.72 -22.02 5.59
C ALA A 79 -10.35 -22.71 5.50
N TYR A 80 -9.95 -23.04 4.27
CA TYR A 80 -8.74 -23.81 4.05
C TYR A 80 -7.85 -23.15 2.99
N LEU A 81 -6.55 -23.39 3.09
CA LEU A 81 -5.58 -23.01 2.07
C LEU A 81 -4.78 -24.26 1.73
N HIS A 82 -4.76 -24.61 0.45
CA HIS A 82 -4.23 -25.90 0.02
C HIS A 82 -3.18 -25.73 -1.07
N TRP A 83 -2.09 -26.46 -0.92
CA TRP A 83 -1.09 -26.66 -1.97
C TRP A 83 -1.13 -28.12 -2.41
N SER A 84 -1.12 -28.37 -3.72
CA SER A 84 -0.86 -29.73 -4.18
C SER A 84 0.63 -30.03 -4.25
N SER A 85 1.50 -29.01 -4.25
CA SER A 85 2.94 -29.26 -4.39
C SER A 85 3.68 -28.06 -3.83
N LEU A 86 4.13 -28.18 -2.59
CA LEU A 86 4.81 -27.08 -1.92
C LEU A 86 6.17 -26.76 -2.55
N LYS A 87 6.56 -25.50 -2.46
CA LYS A 87 7.90 -25.05 -2.81
C LYS A 87 8.65 -24.65 -1.55
N ALA A 88 9.99 -24.76 -1.59
CA ALA A 88 10.77 -24.27 -0.46
C ALA A 88 10.50 -22.78 -0.21
N SER A 89 10.23 -22.02 -1.27
CA SER A 89 9.89 -20.60 -1.11
C SER A 89 8.51 -20.35 -0.47
N ASP A 90 7.72 -21.39 -0.21
CA ASP A 90 6.47 -21.22 0.53
C ASP A 90 6.66 -21.16 2.04
N THR A 91 7.90 -21.26 2.53
CA THR A 91 8.15 -21.09 3.96
C THR A 91 7.74 -19.68 4.39
N ALA A 92 6.80 -19.59 5.33
CA ALA A 92 6.25 -18.31 5.75
C ALA A 92 5.27 -18.55 6.90
N MET A 93 4.88 -17.46 7.56
CA MET A 93 3.76 -17.46 8.48
C MET A 93 2.52 -17.10 7.66
N TYR A 94 1.44 -17.87 7.83
CA TYR A 94 0.19 -17.65 7.10
C TYR A 94 -0.87 -17.16 8.08
N PHE A 95 -1.52 -16.05 7.75
CA PHE A 95 -2.62 -15.52 8.55
C PHE A 95 -3.92 -15.57 7.76
N CYS A 96 -5.04 -15.73 8.47
CA CYS A 96 -6.35 -15.49 7.89
C CYS A 96 -7.03 -14.30 8.55
N ALA A 97 -7.95 -13.66 7.81
CA ALA A 97 -8.69 -12.52 8.32
C ALA A 97 -10.06 -12.51 7.66
N ARG A 98 -11.04 -11.87 8.30
CA ARG A 98 -12.38 -11.80 7.74
C ARG A 98 -12.71 -10.37 7.31
N ARG A 99 -13.70 -10.26 6.44
CA ARG A 99 -14.06 -8.97 5.87
C ARG A 99 -15.56 -8.97 5.57
N PRO A 100 -16.25 -7.83 5.71
CA PRO A 100 -17.71 -7.82 5.48
C PRO A 100 -18.06 -8.23 4.05
N LYS A 101 -19.26 -8.80 3.92
CA LYS A 101 -19.74 -9.30 2.63
C LYS A 101 -19.53 -8.28 1.52
N ASN A 102 -20.00 -7.06 1.72
CA ASN A 102 -19.76 -6.00 0.73
C ASN A 102 -18.49 -5.27 1.17
N TYR A 103 -17.33 -5.77 0.72
CA TYR A 103 -16.13 -5.06 1.17
C TYR A 103 -15.95 -3.72 0.44
N TYR A 104 -16.72 -3.47 -0.63
CA TYR A 104 -17.03 -2.12 -1.08
C TYR A 104 -18.51 -2.03 -1.36
N ASP A 105 -19.04 -0.83 -1.32
CA ASP A 105 -20.36 -0.57 -1.88
C ASP A 105 -20.27 0.79 -2.56
N ALA A 106 -21.41 1.33 -2.98
CA ALA A 106 -21.38 2.58 -3.73
C ALA A 106 -20.85 3.75 -2.90
N SER A 107 -20.75 3.61 -1.58
CA SER A 107 -20.26 4.72 -0.77
C SER A 107 -18.80 4.60 -0.36
N GLY A 108 -18.17 3.44 -0.54
CA GLY A 108 -16.74 3.37 -0.26
C GLY A 108 -16.31 1.93 0.01
N TYR A 109 -15.13 1.81 0.64
CA TYR A 109 -14.50 0.52 0.92
C TYR A 109 -14.45 0.28 2.43
N TYR A 110 -14.37 -1.00 2.80
CA TYR A 110 -14.37 -1.44 4.19
C TYR A 110 -13.12 -2.26 4.49
N ASN A 111 -12.52 -2.04 5.66
CA ASN A 111 -11.25 -2.68 5.96
C ASN A 111 -11.46 -4.14 6.37
N TRP A 112 -10.36 -4.91 6.29
CA TRP A 112 -10.30 -6.19 6.97
C TRP A 112 -10.52 -6.01 8.48
N LEU A 113 -11.26 -6.93 9.09
CA LEU A 113 -11.66 -6.83 10.49
C LEU A 113 -10.70 -7.57 11.41
N ASP A 114 -10.54 -7.03 12.59
CA ASP A 114 -9.86 -7.70 13.70
C ASP A 114 -10.85 -8.56 14.48
N PRO A 115 -10.37 -9.62 15.14
CA PRO A 115 -8.99 -10.11 15.17
C PRO A 115 -8.65 -10.97 13.97
N TRP A 116 -7.41 -10.91 13.48
CA TRP A 116 -6.93 -11.92 12.55
C TRP A 116 -6.78 -13.26 13.27
N GLY A 117 -6.55 -14.33 12.50
CA GLY A 117 -6.09 -15.57 13.07
C GLY A 117 -4.70 -15.42 13.68
N GLN A 118 -4.31 -16.40 14.51
CA GLN A 118 -3.06 -16.24 15.23
C GLN A 118 -1.85 -16.54 14.37
N GLY A 119 -2.04 -17.13 13.19
CA GLY A 119 -0.93 -17.44 12.30
C GLY A 119 -0.62 -18.93 12.32
N THR A 120 -0.28 -19.48 11.16
CA THR A 120 0.22 -20.86 11.02
C THR A 120 1.58 -20.79 10.36
N LEU A 121 2.60 -21.27 11.06
CA LEU A 121 3.95 -21.30 10.48
C LEU A 121 4.07 -22.53 9.60
N VAL A 122 4.44 -22.33 8.34
CA VAL A 122 4.72 -23.44 7.42
C VAL A 122 6.20 -23.41 7.07
N THR A 123 6.90 -24.51 7.38
CA THR A 123 8.31 -24.66 7.05
C THR A 123 8.44 -25.73 5.97
N VAL A 124 9.04 -25.37 4.85
CA VAL A 124 9.20 -26.29 3.73
C VAL A 124 10.69 -26.46 3.48
N SER A 125 11.20 -27.68 3.69
CA SER A 125 12.61 -27.97 3.48
C SER A 125 12.73 -29.41 3.01
N SER A 126 13.74 -29.68 2.17
CA SER A 126 14.00 -31.06 1.81
C SER A 126 14.61 -31.87 2.96
N ALA A 127 14.99 -31.21 4.06
CA ALA A 127 15.63 -31.92 5.15
C ALA A 127 14.64 -32.81 5.88
N SER A 128 15.17 -33.83 6.54
CA SER A 128 14.45 -34.63 7.53
C SER A 128 14.94 -34.26 8.94
N THR A 129 14.19 -34.67 9.96
CA THR A 129 14.59 -34.45 11.34
C THR A 129 16.03 -34.90 11.57
N LYS A 130 16.84 -34.01 12.13
CA LYS A 130 18.28 -34.22 12.27
C LYS A 130 18.77 -33.38 13.45
N GLY A 131 19.46 -34.03 14.38
CA GLY A 131 20.04 -33.33 15.51
C GLY A 131 21.29 -32.55 15.11
N PRO A 132 21.64 -31.54 15.90
CA PRO A 132 22.79 -30.70 15.54
C PRO A 132 24.14 -31.34 15.82
N SER A 133 25.13 -30.89 15.05
CA SER A 133 26.52 -31.07 15.43
C SER A 133 26.96 -29.81 16.16
N VAL A 134 27.65 -29.97 17.28
CA VAL A 134 28.04 -28.84 18.12
C VAL A 134 29.55 -28.70 18.09
N PHE A 135 30.03 -27.50 17.83
CA PHE A 135 31.47 -27.26 17.76
C PHE A 135 31.86 -26.11 18.67
N PRO A 136 33.06 -26.16 19.25
CA PRO A 136 33.47 -25.08 20.17
C PRO A 136 33.88 -23.84 19.41
N LEU A 137 33.50 -22.68 19.96
CA LEU A 137 34.04 -21.38 19.56
C LEU A 137 34.99 -21.03 20.69
N ALA A 138 36.25 -21.39 20.51
CA ALA A 138 37.21 -21.38 21.60
C ALA A 138 37.64 -19.96 21.91
N PRO A 139 37.84 -19.63 23.18
CA PRO A 139 38.29 -18.26 23.51
C PRO A 139 39.67 -17.99 22.93
N SER A 140 39.85 -16.79 22.40
CA SER A 140 41.10 -16.39 21.75
C SER A 140 42.28 -16.49 22.71
N SER A 141 43.44 -16.89 22.18
CA SER A 141 44.67 -16.86 22.96
C SER A 141 45.15 -15.44 23.24
N LYS A 142 44.58 -14.42 22.59
CA LYS A 142 44.98 -13.04 22.79
C LYS A 142 44.22 -12.36 23.95
N GLY A 147 40.13 -7.49 29.70
CA GLY A 147 39.97 -8.53 30.70
C GLY A 147 38.70 -9.35 30.49
N THR A 148 38.05 -9.16 29.33
CA THR A 148 36.84 -9.90 28.97
C THR A 148 37.12 -10.81 27.78
N ALA A 149 36.77 -12.08 27.89
CA ALA A 149 36.93 -13.03 26.80
C ALA A 149 35.56 -13.48 26.31
N ALA A 150 35.45 -13.75 25.01
CA ALA A 150 34.26 -14.39 24.46
C ALA A 150 34.57 -15.83 24.07
N LEU A 151 33.55 -16.67 24.20
CA LEU A 151 33.61 -18.08 23.83
C LEU A 151 32.18 -18.50 23.50
N GLY A 152 32.02 -19.67 22.89
CA GLY A 152 30.69 -20.06 22.49
C GLY A 152 30.65 -21.47 21.93
N CYS A 153 29.49 -21.80 21.37
CA CYS A 153 29.24 -23.06 20.69
C CYS A 153 28.56 -22.77 19.37
N LEU A 154 29.06 -23.38 18.31
CA LEU A 154 28.43 -23.35 17.00
C LEU A 154 27.53 -24.59 16.92
N VAL A 155 26.24 -24.38 16.63
CA VAL A 155 25.22 -25.43 16.64
C VAL A 155 24.78 -25.62 15.20
N LYS A 156 25.31 -26.62 14.51
CA LYS A 156 25.30 -26.64 13.06
C LYS A 156 24.44 -27.77 12.51
N ASP A 157 23.65 -27.44 11.48
CA ASP A 157 23.01 -28.44 10.62
C ASP A 157 21.96 -29.27 11.34
N TYR A 158 20.94 -28.62 11.90
CA TYR A 158 19.85 -29.36 12.52
C TYR A 158 18.52 -29.03 11.85
N PHE A 159 17.52 -29.89 12.11
CA PHE A 159 16.19 -29.67 11.53
C PHE A 159 15.17 -30.46 12.32
N PRO A 160 13.99 -29.89 12.58
CA PRO A 160 13.57 -28.50 12.34
C PRO A 160 13.88 -27.65 13.56
N GLU A 161 13.37 -26.42 13.64
CA GLU A 161 13.45 -25.66 14.89
C GLU A 161 12.55 -26.29 15.93
N PRO A 162 12.78 -26.04 17.23
CA PRO A 162 13.84 -25.20 17.81
C PRO A 162 14.95 -26.02 18.46
N VAL A 163 16.02 -25.29 18.76
CA VAL A 163 17.10 -25.71 19.64
C VAL A 163 17.08 -24.77 20.86
N THR A 164 17.36 -25.29 22.04
CA THR A 164 17.64 -24.44 23.19
C THR A 164 19.05 -24.69 23.69
N VAL A 165 19.69 -23.63 24.20
CA VAL A 165 21.08 -23.72 24.64
C VAL A 165 21.18 -23.15 26.05
N SER A 166 21.73 -23.93 26.97
CA SER A 166 22.09 -23.39 28.27
C SER A 166 23.60 -23.49 28.42
N TRP A 167 24.12 -22.85 29.46
CA TRP A 167 25.54 -22.94 29.78
C TRP A 167 25.70 -23.45 31.19
N ASN A 168 26.58 -24.42 31.36
CA ASN A 168 26.88 -24.99 32.68
C ASN A 168 25.60 -25.44 33.37
N SER A 169 24.73 -26.08 32.60
CA SER A 169 23.45 -26.64 33.07
C SER A 169 22.56 -25.57 33.72
N GLY A 170 22.63 -24.36 33.22
CA GLY A 170 21.81 -23.29 33.73
C GLY A 170 22.51 -22.39 34.72
N ALA A 171 23.70 -22.78 35.21
CA ALA A 171 24.39 -21.97 36.22
C ALA A 171 24.96 -20.68 35.64
N LEU A 172 25.13 -20.60 34.33
CA LEU A 172 25.74 -19.43 33.69
C LEU A 172 24.70 -18.82 32.75
N THR A 173 24.21 -17.63 33.07
CA THR A 173 23.20 -16.97 32.26
C THR A 173 23.61 -15.55 31.88
N SER A 174 24.39 -14.90 32.72
CA SER A 174 24.82 -13.54 32.49
C SER A 174 25.76 -13.45 31.28
N GLY A 175 25.43 -12.59 30.31
CA GLY A 175 26.27 -12.39 29.15
C GLY A 175 26.07 -13.38 28.02
N VAL A 176 25.11 -14.28 28.14
CA VAL A 176 24.83 -15.25 27.09
C VAL A 176 23.99 -14.58 26.01
N HIS A 177 24.40 -14.73 24.76
CA HIS A 177 23.54 -14.42 23.62
C HIS A 177 23.43 -15.66 22.77
N THR A 178 22.21 -16.14 22.57
CA THR A 178 21.98 -17.23 21.63
C THR A 178 21.28 -16.66 20.41
N PHE A 179 21.93 -16.74 19.27
CA PHE A 179 21.43 -16.04 18.08
C PHE A 179 20.24 -16.78 17.46
N PRO A 180 19.35 -16.04 16.81
CA PRO A 180 18.29 -16.69 16.00
C PRO A 180 18.93 -17.59 14.97
N ALA A 181 18.31 -18.75 14.74
CA ALA A 181 18.81 -19.69 13.74
C ALA A 181 18.74 -19.07 12.34
N VAL A 182 19.64 -19.50 11.46
CA VAL A 182 19.61 -19.14 10.05
C VAL A 182 19.36 -20.40 9.24
N LEU A 183 18.46 -20.32 8.27
CA LEU A 183 18.22 -21.44 7.38
C LEU A 183 19.27 -21.41 6.27
N GLN A 184 20.03 -22.48 6.16
CA GLN A 184 21.08 -22.57 5.16
C GLN A 184 20.51 -23.07 3.84
N SER A 185 21.28 -22.87 2.77
CA SER A 185 20.85 -23.34 1.45
C SER A 185 20.65 -24.85 1.43
N SER A 186 21.29 -25.58 2.35
CA SER A 186 21.08 -27.02 2.50
C SER A 186 19.70 -27.37 3.03
N GLY A 187 18.93 -26.40 3.52
CA GLY A 187 17.68 -26.70 4.17
C GLY A 187 17.80 -27.05 5.64
N LEU A 188 19.00 -26.97 6.21
CA LEU A 188 19.24 -27.19 7.62
C LEU A 188 19.48 -25.86 8.32
N TYR A 189 19.16 -25.80 9.61
CA TYR A 189 19.40 -24.60 10.40
C TYR A 189 20.77 -24.65 11.07
N SER A 190 21.25 -23.46 11.42
CA SER A 190 22.48 -23.32 12.19
C SER A 190 22.37 -22.06 13.03
N LEU A 191 23.03 -22.06 14.19
CA LEU A 191 23.10 -20.88 15.05
C LEU A 191 24.35 -20.98 15.91
N SER A 192 24.76 -19.85 16.51
CA SER A 192 25.78 -19.84 17.56
C SER A 192 25.19 -19.32 18.87
N SER A 193 25.74 -19.81 19.98
CA SER A 193 25.50 -19.25 21.31
C SER A 193 26.83 -18.79 21.87
N VAL A 194 26.90 -17.55 22.34
CA VAL A 194 28.17 -17.02 22.80
C VAL A 194 27.95 -16.51 24.22
N VAL A 195 29.04 -16.36 24.96
CA VAL A 195 29.00 -15.77 26.30
C VAL A 195 30.32 -15.05 26.52
N THR A 196 30.28 -13.88 27.16
CA THR A 196 31.49 -13.19 27.55
C THR A 196 31.72 -13.42 29.04
N VAL A 197 32.97 -13.63 29.41
CA VAL A 197 33.34 -14.00 30.77
C VAL A 197 34.68 -13.34 31.09
N PRO A 198 35.12 -13.32 32.36
CA PRO A 198 36.44 -12.77 32.68
C PRO A 198 37.54 -13.63 32.07
N SER A 199 38.49 -12.97 31.41
CA SER A 199 39.68 -13.67 30.90
C SER A 199 40.38 -14.46 32.00
N SER A 200 40.43 -13.91 33.22
CA SER A 200 41.13 -14.60 34.30
C SER A 200 40.44 -15.89 34.73
N SER A 201 39.21 -16.14 34.29
CA SER A 201 38.52 -17.38 34.62
C SER A 201 38.85 -18.52 33.67
N LEU A 202 39.51 -18.23 32.54
CA LEU A 202 39.66 -19.23 31.49
C LEU A 202 40.47 -20.42 31.94
N GLY A 203 41.38 -20.24 32.90
CA GLY A 203 42.23 -21.34 33.33
C GLY A 203 41.60 -22.19 34.41
N THR A 204 40.60 -21.65 35.11
CA THR A 204 40.05 -22.28 36.29
C THR A 204 38.59 -22.72 36.18
N GLN A 205 37.78 -22.06 35.35
CA GLN A 205 36.35 -22.33 35.28
C GLN A 205 36.03 -23.20 34.06
N THR A 206 35.25 -24.26 34.26
CA THR A 206 34.81 -25.08 33.14
C THR A 206 33.58 -24.46 32.47
N TYR A 207 33.61 -24.35 31.15
CA TYR A 207 32.46 -23.88 30.38
C TYR A 207 31.98 -24.98 29.44
N ILE A 208 30.71 -25.32 29.55
CA ILE A 208 30.06 -26.38 28.78
C ILE A 208 28.74 -25.80 28.26
N CYS A 209 28.51 -25.88 26.95
CA CYS A 209 27.19 -25.55 26.45
C CYS A 209 26.34 -26.81 26.38
N ASN A 210 25.07 -26.70 26.76
CA ASN A 210 24.11 -27.80 26.71
C ASN A 210 23.10 -27.48 25.62
N VAL A 211 23.07 -28.29 24.58
CA VAL A 211 22.31 -28.00 23.36
C VAL A 211 21.23 -29.06 23.24
N ASN A 212 19.96 -28.64 23.38
CA ASN A 212 18.82 -29.56 23.37
C ASN A 212 18.03 -29.39 22.08
N HIS A 213 17.77 -30.50 21.39
CA HIS A 213 16.95 -30.51 20.18
C HIS A 213 15.87 -31.56 20.37
N LYS A 214 14.75 -31.13 20.94
CA LYS A 214 13.65 -32.05 21.24
C LYS A 214 13.15 -32.85 20.03
N PRO A 215 13.01 -32.28 18.83
CA PRO A 215 12.49 -33.08 17.70
C PRO A 215 13.29 -34.33 17.42
N SER A 216 14.61 -34.31 17.63
CA SER A 216 15.40 -35.50 17.41
C SER A 216 15.77 -36.22 18.69
N ASN A 217 15.21 -35.79 19.83
CA ASN A 217 15.59 -36.33 21.14
C ASN A 217 17.11 -36.29 21.36
N THR A 218 17.73 -35.16 21.00
CA THR A 218 19.19 -35.01 21.05
C THR A 218 19.55 -33.98 22.11
N LYS A 219 20.54 -34.31 22.95
CA LYS A 219 21.13 -33.32 23.86
C LYS A 219 22.64 -33.49 23.80
N VAL A 220 23.34 -32.42 23.43
CA VAL A 220 24.80 -32.45 23.29
C VAL A 220 25.39 -31.49 24.32
N ASP A 221 26.33 -31.99 25.11
CA ASP A 221 27.06 -31.16 26.07
C ASP A 221 28.50 -31.06 25.59
N LYS A 222 28.96 -29.85 25.30
CA LYS A 222 30.25 -29.64 24.65
C LYS A 222 31.08 -28.70 25.52
N LYS A 223 32.24 -29.17 25.95
CA LYS A 223 33.17 -28.34 26.71
C LYS A 223 33.88 -27.38 25.76
N VAL A 224 34.05 -26.12 26.19
CA VAL A 224 34.71 -25.09 25.39
C VAL A 224 35.90 -24.59 26.21
N GLU A 225 37.12 -24.86 25.74
CA GLU A 225 38.31 -24.44 26.46
C GLU A 225 39.30 -23.80 25.51
N PRO A 226 40.28 -23.05 26.01
CA PRO A 226 41.31 -22.52 25.11
C PRO A 226 42.02 -23.66 24.40
N LYS A 227 42.40 -23.41 23.15
CA LYS A 227 43.08 -24.41 22.35
C LYS A 227 44.58 -24.39 22.68
N SER A 228 45.14 -25.56 22.99
CA SER A 228 46.52 -25.62 23.50
C SER A 228 47.57 -25.34 22.42
N GLU B 1 -3.76 -2.74 -7.26
CA GLU B 1 -3.24 -1.91 -6.15
C GLU B 1 -2.03 -1.11 -6.55
N ILE B 2 -1.61 -0.15 -5.72
CA ILE B 2 -0.49 0.72 -6.08
C ILE B 2 0.61 0.67 -5.02
N GLN B 3 1.82 1.03 -5.47
CA GLN B 3 2.99 0.99 -4.61
C GLN B 3 2.90 2.05 -3.52
N MET B 4 3.11 1.65 -2.29
CA MET B 4 3.23 2.66 -1.27
C MET B 4 4.66 2.74 -0.78
N THR B 5 5.03 3.90 -0.25
CA THR B 5 6.35 4.14 0.32
C THR B 5 6.17 4.55 1.77
N GLN B 6 6.59 3.67 2.67
CA GLN B 6 6.47 3.91 4.09
C GLN B 6 7.83 4.36 4.63
N SER B 7 7.83 5.35 5.50
CA SER B 7 9.07 5.89 6.04
C SER B 7 8.87 6.37 7.47
N PRO B 8 9.92 6.31 8.32
CA PRO B 8 11.27 5.75 8.07
C PRO B 8 11.23 4.25 8.19
N SER B 9 12.27 3.50 7.81
CA SER B 9 12.22 2.07 8.07
C SER B 9 12.49 1.74 9.53
N THR B 10 13.33 2.51 10.22
CA THR B 10 13.52 2.35 11.65
C THR B 10 13.42 3.71 12.31
N LEU B 11 12.61 3.79 13.34
CA LEU B 11 12.40 5.01 14.12
C LEU B 11 12.93 4.74 15.53
N SER B 12 13.98 5.44 15.92
CA SER B 12 14.58 5.31 17.26
C SER B 12 13.99 6.37 18.18
N ALA B 13 13.28 5.95 19.22
CA ALA B 13 12.55 6.92 20.03
C ALA B 13 12.55 6.48 21.49
N SER B 14 12.01 7.36 22.35
CA SER B 14 11.91 7.11 23.77
C SER B 14 10.45 7.11 24.19
N VAL B 15 10.16 6.36 25.26
CA VAL B 15 8.92 6.53 26.00
C VAL B 15 8.68 8.02 26.23
N GLY B 16 7.46 8.49 25.99
CA GLY B 16 7.10 9.89 26.17
C GLY B 16 7.26 10.75 24.93
N ASP B 17 7.86 10.23 23.86
CA ASP B 17 8.07 11.03 22.65
C ASP B 17 6.79 11.09 21.83
N ARG B 18 6.65 12.16 21.07
CA ARG B 18 5.69 12.20 19.99
C ARG B 18 6.38 11.67 18.74
N VAL B 19 5.87 10.59 18.16
CA VAL B 19 6.52 10.02 16.98
C VAL B 19 5.51 9.94 15.84
N THR B 20 6.03 10.06 14.62
CA THR B 20 5.22 10.12 13.42
C THR B 20 5.78 9.15 12.38
N ILE B 21 4.89 8.32 11.82
CA ILE B 21 5.21 7.39 10.75
C ILE B 21 4.42 7.81 9.52
N THR B 22 5.07 7.77 8.36
CA THR B 22 4.46 8.31 7.13
C THR B 22 4.35 7.23 6.06
N CYS B 23 3.28 7.33 5.28
CA CYS B 23 3.02 6.46 4.15
C CYS B 23 2.58 7.33 2.98
N ARG B 24 3.19 7.14 1.81
CA ARG B 24 2.89 7.95 0.63
C ARG B 24 2.59 7.05 -0.56
N ALA B 25 1.76 7.56 -1.47
CA ALA B 25 1.37 6.89 -2.71
C ALA B 25 1.38 7.95 -3.80
N SER B 26 1.61 7.51 -5.05
CA SER B 26 1.74 8.50 -6.12
C SER B 26 0.39 8.98 -6.63
N GLN B 27 -0.71 8.31 -6.26
CA GLN B 27 -2.06 8.70 -6.64
C GLN B 27 -2.96 8.52 -5.43
N SER B 28 -4.13 9.15 -5.45
CA SER B 28 -4.92 9.23 -4.22
C SER B 28 -5.58 7.90 -3.87
N LEU B 29 -5.45 7.50 -2.60
CA LEU B 29 -6.20 6.42 -1.99
C LEU B 29 -7.41 6.91 -1.21
N SER B 30 -7.72 8.20 -1.28
CA SER B 30 -8.81 8.82 -0.50
C SER B 30 -8.60 8.47 0.98
N THR B 31 -9.61 7.94 1.66
CA THR B 31 -9.48 7.58 3.07
C THR B 31 -9.26 6.07 3.27
N TRP B 32 -8.98 5.32 2.20
CA TRP B 32 -9.03 3.86 2.26
C TRP B 32 -7.66 3.30 2.66
N LEU B 33 -7.24 3.69 3.86
CA LEU B 33 -5.94 3.30 4.39
C LEU B 33 -6.07 2.93 5.86
N ALA B 34 -5.44 1.82 6.24
CA ALA B 34 -5.43 1.33 7.60
C ALA B 34 -3.99 1.37 8.14
N TRP B 35 -3.87 1.42 9.47
CA TRP B 35 -2.60 1.28 10.15
C TRP B 35 -2.64 0.08 11.09
N TYR B 36 -1.58 -0.72 11.08
CA TYR B 36 -1.45 -1.93 11.88
C TYR B 36 -0.20 -1.85 12.74
N GLN B 37 -0.24 -2.53 13.88
CA GLN B 37 0.89 -2.74 14.77
C GLN B 37 1.19 -4.22 14.81
N GLN B 38 2.47 -4.59 14.79
CA GLN B 38 2.80 -6.02 14.86
C GLN B 38 3.99 -6.23 15.79
N LYS B 39 3.84 -7.15 16.72
CA LYS B 39 4.94 -7.54 17.57
C LYS B 39 5.46 -8.93 17.17
N PRO B 40 6.71 -9.26 17.50
CA PRO B 40 7.31 -10.50 16.97
C PRO B 40 6.48 -11.73 17.32
N GLY B 41 6.31 -12.60 16.33
CA GLY B 41 5.55 -13.83 16.50
C GLY B 41 4.05 -13.67 16.65
N LYS B 42 3.50 -12.47 16.50
CA LYS B 42 2.07 -12.24 16.68
C LYS B 42 1.46 -11.74 15.37
N ALA B 43 0.14 -11.87 15.29
CA ALA B 43 -0.59 -11.31 14.15
C ALA B 43 -0.62 -9.78 14.22
N PRO B 44 -0.60 -9.11 13.07
CA PRO B 44 -0.87 -7.67 13.03
C PRO B 44 -2.18 -7.33 13.74
N LYS B 45 -2.23 -6.15 14.36
CA LYS B 45 -3.37 -5.64 15.11
C LYS B 45 -3.78 -4.29 14.52
N LEU B 46 -5.07 -4.15 14.20
CA LEU B 46 -5.55 -2.93 13.57
C LEU B 46 -5.57 -1.78 14.59
N LEU B 47 -4.97 -0.66 14.23
CA LEU B 47 -5.03 0.57 15.03
C LEU B 47 -6.02 1.58 14.47
N ILE B 48 -6.01 1.79 13.15
CA ILE B 48 -6.72 2.88 12.49
C ILE B 48 -7.35 2.32 11.23
N TYR B 49 -8.59 2.72 10.94
CA TYR B 49 -9.18 2.48 9.64
C TYR B 49 -9.76 3.77 9.10
N LYS B 50 -10.11 3.75 7.82
CA LYS B 50 -10.61 4.95 7.12
C LYS B 50 -9.71 6.15 7.36
N ALA B 51 -8.39 5.89 7.38
CA ALA B 51 -7.29 6.86 7.47
C ALA B 51 -7.19 7.61 8.81
N SER B 52 -8.28 7.74 9.58
CA SER B 52 -8.20 8.54 10.81
C SER B 52 -9.06 8.02 11.94
N ILE B 53 -9.76 6.90 11.79
CA ILE B 53 -10.71 6.46 12.78
C ILE B 53 -10.05 5.41 13.64
N LEU B 54 -10.08 5.61 14.96
CA LEU B 54 -9.47 4.63 15.87
C LEU B 54 -10.30 3.36 15.94
N GLU B 55 -9.65 2.21 15.76
CA GLU B 55 -10.28 0.94 16.05
C GLU B 55 -10.70 0.90 17.52
N SER B 56 -11.85 0.27 17.78
CA SER B 56 -12.39 0.22 19.13
C SER B 56 -11.38 -0.43 20.07
N GLY B 57 -11.19 0.18 21.25
CA GLY B 57 -10.21 -0.30 22.21
C GLY B 57 -8.80 0.26 22.05
N VAL B 58 -8.47 0.91 20.94
CA VAL B 58 -7.11 1.41 20.74
C VAL B 58 -6.95 2.69 21.58
N PRO B 59 -5.85 2.82 22.33
CA PRO B 59 -5.70 3.99 23.23
C PRO B 59 -5.65 5.31 22.46
N SER B 60 -6.09 6.38 23.12
CA SER B 60 -6.23 7.65 22.42
C SER B 60 -4.90 8.32 22.10
N ARG B 61 -3.77 7.81 22.59
CA ARG B 61 -2.50 8.39 22.14
C ARG B 61 -2.21 8.10 20.66
N PHE B 62 -2.94 7.18 20.04
CA PHE B 62 -2.81 6.93 18.61
C PHE B 62 -3.78 7.82 17.86
N SER B 63 -3.30 8.48 16.80
CA SER B 63 -4.18 9.19 15.89
C SER B 63 -3.55 9.13 14.51
N ALA B 64 -4.30 9.55 13.50
CA ALA B 64 -3.77 9.46 12.14
C ALA B 64 -4.53 10.45 11.27
N SER B 65 -3.86 10.94 10.23
CA SER B 65 -4.54 11.80 9.26
C SER B 65 -4.10 11.42 7.85
N GLY B 66 -4.85 11.89 6.87
CA GLY B 66 -4.56 11.55 5.49
C GLY B 66 -4.97 12.66 4.56
N SER B 67 -4.21 12.81 3.48
CA SER B 67 -4.57 13.71 2.40
C SER B 67 -4.98 12.97 1.14
N GLY B 68 -4.93 11.64 1.12
CA GLY B 68 -5.15 10.93 -0.12
C GLY B 68 -3.85 10.37 -0.69
N THR B 69 -2.79 11.19 -0.76
CA THR B 69 -1.48 10.72 -1.20
C THR B 69 -0.44 10.70 -0.09
N GLU B 70 -0.74 11.28 1.07
CA GLU B 70 0.16 11.25 2.20
C GLU B 70 -0.64 10.95 3.46
N PHE B 71 -0.13 10.01 4.25
CA PHE B 71 -0.80 9.54 5.45
C PHE B 71 0.21 9.50 6.58
N THR B 72 -0.21 9.95 7.76
CA THR B 72 0.67 9.98 8.93
C THR B 72 -0.03 9.31 10.10
N LEU B 73 0.68 8.40 10.75
CA LEU B 73 0.27 7.87 12.05
C LEU B 73 1.13 8.55 13.12
N THR B 74 0.48 9.13 14.13
CA THR B 74 1.18 9.82 15.21
C THR B 74 0.88 9.13 16.54
N ILE B 75 1.92 8.78 17.27
CA ILE B 75 1.77 8.31 18.64
C ILE B 75 2.19 9.46 19.54
N SER B 76 1.20 10.09 20.19
CA SER B 76 1.45 11.31 20.98
C SER B 76 1.79 10.90 22.41
N GLY B 77 3.05 10.51 22.59
CA GLY B 77 3.52 10.04 23.89
C GLY B 77 3.70 8.53 23.91
N LEU B 78 4.77 8.05 23.28
CA LEU B 78 5.07 6.63 23.24
C LEU B 78 5.05 6.03 24.65
N GLN B 79 4.43 4.87 24.78
CA GLN B 79 4.41 4.17 26.06
C GLN B 79 5.22 2.88 25.97
N PRO B 80 5.55 2.26 27.11
CA PRO B 80 6.53 1.17 27.10
C PRO B 80 6.14 -0.02 26.23
N ASP B 81 4.86 -0.23 25.94
CA ASP B 81 4.44 -1.36 25.12
C ASP B 81 4.17 -0.97 23.66
N ASP B 82 4.64 0.19 23.21
CA ASP B 82 4.46 0.62 21.83
C ASP B 82 5.65 0.33 20.94
N PHE B 83 6.72 -0.26 21.47
CA PHE B 83 7.83 -0.64 20.62
C PHE B 83 7.42 -1.90 19.84
N ALA B 84 7.45 -1.79 18.52
CA ALA B 84 6.76 -2.72 17.61
C ALA B 84 7.05 -2.31 16.18
N THR B 85 6.62 -3.10 15.20
CA THR B 85 6.65 -2.69 13.80
C THR B 85 5.25 -2.25 13.39
N TYR B 86 5.17 -1.17 12.62
CA TYR B 86 3.92 -0.60 12.15
C TYR B 86 3.87 -0.65 10.63
N TYR B 87 2.68 -0.96 10.09
CA TYR B 87 2.44 -1.01 8.65
C TYR B 87 1.25 -0.14 8.29
N CYS B 88 1.37 0.65 7.20
CA CYS B 88 0.16 1.13 6.55
C CYS B 88 -0.31 0.08 5.55
N GLN B 89 -1.58 0.20 5.14
CA GLN B 89 -2.19 -0.76 4.23
C GLN B 89 -3.28 -0.04 3.45
N GLN B 90 -3.21 -0.05 2.12
CA GLN B 90 -4.34 0.39 1.32
C GLN B 90 -5.41 -0.69 1.31
N TYR B 91 -6.68 -0.31 1.32
CA TYR B 91 -7.68 -1.37 1.24
C TYR B 91 -8.84 -1.06 0.30
N ASN B 92 -8.67 -0.12 -0.64
CA ASN B 92 -9.63 0.01 -1.72
C ASN B 92 -9.36 -1.03 -2.81
N SER B 93 -9.46 -2.29 -2.40
CA SER B 93 -9.06 -3.42 -3.22
C SER B 93 -9.63 -4.68 -2.60
N TYR B 94 -9.84 -5.72 -3.41
CA TYR B 94 -10.22 -7.01 -2.82
C TYR B 94 -9.10 -7.61 -1.98
N LEU B 95 -7.85 -7.17 -2.16
CA LEU B 95 -6.75 -7.59 -1.27
C LEU B 95 -6.31 -6.38 -0.46
N GLY B 96 -5.39 -5.57 -0.94
CA GLY B 96 -4.97 -4.35 -0.27
C GLY B 96 -3.53 -4.43 0.18
N ALA B 97 -2.61 -3.92 -0.63
CA ALA B 97 -1.18 -4.07 -0.36
C ALA B 97 -0.75 -3.26 0.86
N PHE B 98 0.21 -3.80 1.58
CA PHE B 98 0.81 -3.18 2.76
C PHE B 98 2.03 -2.34 2.37
N GLY B 99 2.33 -1.33 3.19
CA GLY B 99 3.62 -0.65 3.15
C GLY B 99 4.74 -1.56 3.65
N GLN B 100 5.97 -1.06 3.55
CA GLN B 100 7.15 -1.86 3.87
C GLN B 100 7.37 -2.02 5.37
N GLY B 101 6.77 -1.18 6.19
CA GLY B 101 6.86 -1.29 7.63
C GLY B 101 7.84 -0.30 8.25
N THR B 102 7.60 0.04 9.51
CA THR B 102 8.45 0.91 10.31
C THR B 102 8.66 0.25 11.66
N LYS B 103 9.90 -0.04 12.01
CA LYS B 103 10.24 -0.54 13.34
C LYS B 103 10.47 0.64 14.28
N VAL B 104 9.72 0.70 15.38
CA VAL B 104 9.94 1.69 16.42
C VAL B 104 10.73 0.99 17.52
N GLU B 105 11.96 1.45 17.75
CA GLU B 105 12.87 0.81 18.70
C GLU B 105 13.24 1.80 19.81
N ILE B 106 13.78 1.26 20.90
CA ILE B 106 14.20 2.04 22.06
C ILE B 106 15.52 2.74 21.72
N LYS B 107 15.54 4.06 21.89
CA LYS B 107 16.75 4.83 21.67
C LYS B 107 17.65 4.82 22.92
N ARG B 108 18.96 4.81 22.71
CA ARG B 108 19.91 4.87 23.82
C ARG B 108 21.22 5.46 23.31
N THR B 109 22.18 5.63 24.21
CA THR B 109 23.49 6.15 23.82
C THR B 109 24.22 5.16 22.91
N VAL B 110 25.13 5.70 22.11
CA VAL B 110 25.92 4.89 21.19
C VAL B 110 26.84 3.96 21.97
N ALA B 111 26.92 2.70 21.53
CA ALA B 111 27.92 1.76 22.03
C ALA B 111 28.53 1.06 20.83
N ALA B 112 29.83 1.23 20.62
CA ALA B 112 30.51 0.55 19.53
C ALA B 112 30.59 -0.95 19.83
N PRO B 113 30.55 -1.81 18.80
CA PRO B 113 30.63 -3.25 19.05
C PRO B 113 31.97 -3.67 19.60
N SER B 114 31.96 -4.60 20.56
CA SER B 114 33.15 -5.39 20.85
C SER B 114 33.21 -6.52 19.83
N VAL B 115 34.38 -6.72 19.22
CA VAL B 115 34.50 -7.63 18.08
C VAL B 115 35.38 -8.81 18.45
N PHE B 116 34.97 -10.00 18.03
CA PHE B 116 35.67 -11.24 18.33
C PHE B 116 35.62 -12.14 17.11
N ILE B 117 36.72 -12.84 16.78
CA ILE B 117 36.73 -13.79 15.67
C ILE B 117 37.05 -15.18 16.21
N PHE B 118 36.41 -16.20 15.64
CA PHE B 118 36.60 -17.60 16.08
C PHE B 118 36.97 -18.46 14.88
N PRO B 119 38.10 -19.16 14.92
CA PRO B 119 38.44 -20.06 13.80
C PRO B 119 37.60 -21.33 13.83
N PRO B 120 37.58 -22.08 12.75
CA PRO B 120 36.91 -23.38 12.79
C PRO B 120 37.63 -24.31 13.74
N SER B 121 36.86 -25.18 14.39
CA SER B 121 37.45 -26.17 15.28
C SER B 121 38.08 -27.31 14.48
N ASP B 122 39.06 -27.98 15.08
CA ASP B 122 39.64 -29.16 14.44
C ASP B 122 38.59 -30.24 14.21
N GLU B 123 37.69 -30.42 15.17
CA GLU B 123 36.59 -31.38 15.01
C GLU B 123 35.78 -31.08 13.74
N GLN B 124 35.39 -29.82 13.53
CA GLN B 124 34.58 -29.52 12.36
C GLN B 124 35.36 -29.78 11.08
N LEU B 125 36.64 -29.42 11.07
CA LEU B 125 37.44 -29.63 9.86
C LEU B 125 37.46 -31.09 9.47
N LYS B 126 37.43 -32.00 10.45
CA LYS B 126 37.39 -33.43 10.19
C LYS B 126 36.17 -33.82 9.37
N SER B 127 35.14 -32.99 9.34
CA SER B 127 33.94 -33.28 8.57
C SER B 127 33.95 -32.64 7.19
N GLY B 128 35.00 -31.88 6.85
CA GLY B 128 35.10 -31.32 5.52
C GLY B 128 34.52 -29.94 5.32
N THR B 129 34.03 -29.29 6.37
CA THR B 129 33.56 -27.92 6.29
C THR B 129 34.27 -27.09 7.34
N ALA B 130 34.46 -25.80 7.04
CA ALA B 130 35.05 -24.84 7.97
C ALA B 130 34.07 -23.68 8.11
N SER B 131 33.63 -23.43 9.35
CA SER B 131 32.84 -22.25 9.66
C SER B 131 33.72 -21.27 10.44
N VAL B 132 33.75 -20.03 10.00
CA VAL B 132 34.48 -18.96 10.69
C VAL B 132 33.44 -17.97 11.20
N VAL B 133 33.49 -17.64 12.49
CA VAL B 133 32.44 -16.84 13.11
C VAL B 133 33.03 -15.51 13.59
N CYS B 134 32.38 -14.42 13.23
CA CYS B 134 32.71 -13.11 13.75
C CYS B 134 31.56 -12.60 14.63
N LEU B 135 31.90 -12.10 15.82
CA LEU B 135 30.90 -11.66 16.79
C LEU B 135 31.04 -10.15 17.00
N LEU B 136 29.93 -9.43 16.87
CA LEU B 136 29.82 -8.02 17.24
C LEU B 136 28.90 -7.96 18.46
N ASN B 137 29.43 -7.57 19.60
CA ASN B 137 28.67 -7.73 20.85
C ASN B 137 28.23 -6.39 21.39
N ASN B 138 26.93 -6.30 21.71
CA ASN B 138 26.35 -5.23 22.55
C ASN B 138 26.58 -3.82 21.97
N PHE B 139 26.04 -3.58 20.78
CA PHE B 139 26.26 -2.31 20.12
C PHE B 139 24.94 -1.61 19.84
N TYR B 140 25.04 -0.31 19.56
CA TYR B 140 23.89 0.52 19.31
C TYR B 140 24.44 1.81 18.68
N PRO B 141 23.83 2.34 17.61
CA PRO B 141 22.63 1.87 16.90
C PRO B 141 22.92 0.60 16.07
N ARG B 142 21.88 0.17 15.37
CA ARG B 142 21.88 -1.13 14.71
C ARG B 142 22.83 -1.18 13.50
N GLU B 143 22.98 -0.07 12.79
CA GLU B 143 23.68 -0.16 11.50
C GLU B 143 25.16 -0.46 11.71
N ALA B 144 25.67 -1.40 10.93
CA ALA B 144 27.07 -1.82 11.02
C ALA B 144 27.43 -2.45 9.69
N LYS B 145 28.72 -2.44 9.36
CA LYS B 145 29.20 -3.13 8.17
C LYS B 145 30.23 -4.18 8.58
N VAL B 146 30.02 -5.42 8.15
CA VAL B 146 30.92 -6.52 8.51
C VAL B 146 31.41 -7.12 7.21
N GLN B 147 32.73 -7.11 7.01
CA GLN B 147 33.33 -7.64 5.78
C GLN B 147 34.33 -8.74 6.12
N TRP B 148 34.27 -9.83 5.38
CA TRP B 148 35.26 -10.89 5.49
C TRP B 148 36.37 -10.66 4.47
N LYS B 149 37.62 -10.80 4.92
CA LYS B 149 38.76 -10.80 4.01
C LYS B 149 39.57 -12.05 4.24
N VAL B 150 39.85 -12.77 3.16
CA VAL B 150 40.62 -14.00 3.18
C VAL B 150 41.87 -13.73 2.36
N ASP B 151 43.04 -13.74 3.02
CA ASP B 151 44.29 -13.28 2.43
C ASP B 151 44.12 -11.90 1.78
N ASN B 152 43.41 -11.02 2.48
CA ASN B 152 43.13 -9.63 2.12
C ASN B 152 42.24 -9.51 0.90
N ALA B 153 41.59 -10.58 0.46
CA ALA B 153 40.58 -10.52 -0.61
C ALA B 153 39.18 -10.42 0.00
N LEU B 154 38.43 -9.40 -0.41
CA LEU B 154 37.06 -9.22 0.08
C LEU B 154 36.16 -10.34 -0.41
N GLN B 155 35.36 -10.90 0.50
CA GLN B 155 34.48 -12.02 0.22
C GLN B 155 33.07 -11.53 -0.05
N SER B 156 32.34 -12.24 -0.90
CA SER B 156 30.93 -11.94 -1.12
C SER B 156 30.17 -13.22 -1.38
N GLY B 157 29.01 -13.34 -0.74
CA GLY B 157 28.10 -14.43 -1.03
C GLY B 157 28.31 -15.72 -0.26
N ASN B 158 29.34 -15.79 0.60
CA ASN B 158 29.64 -16.99 1.36
C ASN B 158 29.54 -16.78 2.88
N SER B 159 28.81 -15.76 3.32
CA SER B 159 28.59 -15.57 4.75
C SER B 159 27.12 -15.31 5.02
N GLN B 160 26.71 -15.54 6.26
CA GLN B 160 25.35 -15.26 6.69
C GLN B 160 25.39 -14.56 8.05
N GLU B 161 24.49 -13.60 8.23
CA GLU B 161 24.39 -12.84 9.45
C GLU B 161 23.16 -13.24 10.25
N SER B 162 23.26 -13.12 11.57
CA SER B 162 22.13 -13.24 12.48
C SER B 162 22.25 -12.14 13.54
N VAL B 163 21.13 -11.52 13.90
CA VAL B 163 21.14 -10.44 14.87
C VAL B 163 20.09 -10.72 15.94
N THR B 164 20.43 -10.39 17.18
CA THR B 164 19.47 -10.55 18.28
C THR B 164 18.44 -9.44 18.22
N GLU B 165 17.32 -9.64 18.90
CA GLU B 165 16.44 -8.53 19.22
C GLU B 165 17.13 -7.58 20.21
N GLN B 166 16.64 -6.34 20.26
CA GLN B 166 17.15 -5.38 21.22
C GLN B 166 17.12 -5.99 22.62
N ASP B 167 18.24 -5.91 23.33
CA ASP B 167 18.37 -6.62 24.60
C ASP B 167 17.32 -6.14 25.59
N SER B 168 16.70 -7.09 26.29
CA SER B 168 15.60 -6.72 27.19
C SER B 168 16.05 -5.75 28.28
N LYS B 169 17.31 -5.84 28.72
CA LYS B 169 17.82 -4.97 29.77
C LYS B 169 18.49 -3.70 29.22
N ASP B 170 19.53 -3.84 28.37
CA ASP B 170 20.31 -2.66 27.99
C ASP B 170 20.00 -2.14 26.59
N SER B 171 19.07 -2.77 25.87
CA SER B 171 18.58 -2.31 24.57
C SER B 171 19.66 -2.25 23.47
N THR B 172 20.76 -3.00 23.61
CA THR B 172 21.73 -3.10 22.52
C THR B 172 21.40 -4.29 21.61
N TYR B 173 22.13 -4.38 20.49
CA TYR B 173 22.10 -5.51 19.59
C TYR B 173 23.38 -6.30 19.69
N SER B 174 23.32 -7.59 19.35
CA SER B 174 24.53 -8.35 19.05
C SER B 174 24.32 -9.04 17.72
N LEU B 175 25.42 -9.30 17.00
CA LEU B 175 25.33 -9.84 15.64
C LEU B 175 26.45 -10.84 15.41
N SER B 176 26.12 -11.95 14.75
CA SER B 176 27.12 -12.90 14.29
C SER B 176 27.19 -12.85 12.77
N SER B 177 28.38 -13.01 12.24
CA SER B 177 28.56 -13.24 10.81
C SER B 177 29.37 -14.51 10.67
N THR B 178 28.85 -15.46 9.90
CA THR B 178 29.48 -16.77 9.76
C THR B 178 29.91 -16.97 8.30
N LEU B 179 31.20 -17.14 8.10
CA LEU B 179 31.79 -17.47 6.80
C LEU B 179 31.89 -18.98 6.68
N THR B 180 31.35 -19.55 5.61
CA THR B 180 31.37 -21.00 5.40
C THR B 180 32.17 -21.34 4.17
N LEU B 181 33.15 -22.23 4.34
CA LEU B 181 34.02 -22.69 3.27
C LEU B 181 34.12 -24.20 3.35
N SER B 182 34.45 -24.81 2.20
CA SER B 182 34.89 -26.19 2.24
C SER B 182 36.22 -26.28 2.98
N LYS B 183 36.49 -27.44 3.57
CA LYS B 183 37.81 -27.69 4.15
C LYS B 183 38.90 -27.41 3.13
N ALA B 184 38.72 -27.88 1.89
CA ALA B 184 39.73 -27.67 0.86
C ALA B 184 39.98 -26.19 0.63
N ASP B 185 38.91 -25.40 0.45
CA ASP B 185 39.08 -23.97 0.28
C ASP B 185 39.75 -23.34 1.49
N TYR B 186 39.31 -23.71 2.69
CA TYR B 186 39.87 -23.16 3.91
C TYR B 186 41.37 -23.37 3.99
N GLU B 187 41.85 -24.55 3.59
CA GLU B 187 43.27 -24.83 3.70
C GLU B 187 44.11 -24.21 2.58
N LYS B 188 43.47 -23.62 1.56
CA LYS B 188 44.23 -22.91 0.53
C LYS B 188 44.68 -21.52 0.97
N HIS B 189 44.29 -21.04 2.15
CA HIS B 189 44.53 -19.65 2.52
C HIS B 189 45.00 -19.54 3.96
N LYS B 190 45.69 -18.43 4.26
CA LYS B 190 46.32 -18.20 5.54
C LYS B 190 45.55 -17.24 6.45
N VAL B 191 45.30 -16.01 5.99
CA VAL B 191 44.81 -14.93 6.86
C VAL B 191 43.30 -14.83 6.76
N TYR B 192 42.61 -14.98 7.88
CA TYR B 192 41.17 -14.84 7.98
C TYR B 192 40.87 -13.62 8.84
N ALA B 193 40.12 -12.65 8.26
CA ALA B 193 39.89 -11.38 8.94
C ALA B 193 38.43 -10.99 8.85
N CYS B 194 37.92 -10.48 9.97
CA CYS B 194 36.63 -9.84 10.07
C CYS B 194 36.88 -8.36 10.32
N GLU B 195 36.32 -7.50 9.46
CA GLU B 195 36.51 -6.05 9.52
C GLU B 195 35.16 -5.35 9.73
N VAL B 196 35.07 -4.52 10.77
CA VAL B 196 33.81 -4.01 11.28
C VAL B 196 33.81 -2.48 11.26
N THR B 197 32.77 -1.90 10.69
CA THR B 197 32.53 -0.47 10.72
C THR B 197 31.23 -0.17 11.47
N HIS B 198 31.20 0.93 12.24
CA HIS B 198 30.03 1.31 13.02
C HIS B 198 30.19 2.80 13.29
N GLN B 199 29.07 3.52 13.37
CA GLN B 199 29.20 4.97 13.59
C GLN B 199 29.90 5.30 14.92
N GLY B 200 29.89 4.40 15.89
CA GLY B 200 30.65 4.60 17.12
C GLY B 200 32.14 4.30 17.06
N LEU B 201 32.67 3.83 15.93
CA LEU B 201 34.10 3.55 15.75
C LEU B 201 34.72 4.62 14.88
N SER B 202 35.84 5.21 15.34
CA SER B 202 36.54 6.21 14.53
C SER B 202 37.19 5.60 13.29
N SER B 203 37.63 4.34 13.36
CA SER B 203 38.32 3.59 12.31
C SER B 203 37.79 2.17 12.36
N PRO B 204 37.77 1.45 11.24
CA PRO B 204 37.28 0.06 11.28
C PRO B 204 38.09 -0.79 12.25
N VAL B 205 37.41 -1.73 12.90
CA VAL B 205 38.06 -2.70 13.79
C VAL B 205 38.24 -4.01 13.01
N THR B 206 39.45 -4.56 13.01
CA THR B 206 39.73 -5.83 12.37
C THR B 206 40.17 -6.85 13.42
N LYS B 207 39.55 -8.02 13.42
CA LYS B 207 40.02 -9.17 14.19
C LYS B 207 40.37 -10.25 13.19
N SER B 208 41.51 -10.92 13.40
CA SER B 208 41.99 -11.85 12.40
C SER B 208 42.84 -12.93 13.06
N PHE B 209 43.03 -14.02 12.33
CA PHE B 209 43.93 -15.11 12.72
C PHE B 209 44.59 -15.67 11.46
N ASN B 210 45.72 -16.36 11.67
CA ASN B 210 46.39 -17.12 10.65
C ASN B 210 46.01 -18.58 10.83
N ARG B 211 45.57 -19.23 9.75
CA ARG B 211 45.21 -20.64 9.83
C ARG B 211 46.38 -21.44 10.38
N GLY B 212 46.11 -22.23 11.43
CA GLY B 212 47.10 -23.13 11.96
C GLY B 212 47.98 -22.59 13.05
N GLU B 213 47.85 -21.32 13.40
CA GLU B 213 48.63 -20.75 14.49
C GLU B 213 47.78 -20.71 15.75
N CYS B 214 48.46 -20.70 16.90
CA CYS B 214 47.75 -20.75 18.18
C CYS B 214 47.87 -19.45 18.94
N VAL C 4 36.45 18.16 -1.33
CA VAL C 4 35.75 17.95 -0.06
C VAL C 4 36.56 18.43 1.14
N GLN C 5 36.17 19.57 1.70
CA GLN C 5 36.88 20.21 2.80
C GLN C 5 35.97 20.28 4.01
N LEU C 6 36.51 19.99 5.19
CA LEU C 6 35.82 20.19 6.46
C LEU C 6 36.70 21.07 7.33
N GLN C 7 36.17 22.20 7.77
CA GLN C 7 36.91 23.14 8.60
C GLN C 7 36.12 23.40 9.87
N GLU C 8 36.67 22.96 11.01
CA GLU C 8 36.05 23.16 12.31
C GLU C 8 36.46 24.52 12.88
N SER C 9 35.62 25.05 13.75
CA SER C 9 35.94 26.29 14.45
C SER C 9 35.10 26.37 15.72
N GLY C 10 35.37 27.40 16.52
CA GLY C 10 34.57 27.68 17.70
C GLY C 10 35.10 27.13 18.99
N GLY C 11 36.28 26.49 18.99
CA GLY C 11 36.89 26.03 20.21
C GLY C 11 37.52 27.17 21.00
N GLY C 12 38.18 26.80 22.09
CA GLY C 12 38.81 27.80 22.93
C GLY C 12 39.02 27.27 24.33
N LEU C 13 39.36 28.20 25.22
CA LEU C 13 39.60 27.93 26.63
C LEU C 13 38.42 28.43 27.44
N VAL C 14 37.85 27.58 28.28
CA VAL C 14 36.76 27.96 29.15
C VAL C 14 37.02 27.39 30.53
N GLN C 15 36.37 27.98 31.50
CA GLN C 15 36.40 27.51 32.87
C GLN C 15 35.39 26.37 33.05
N PRO C 16 35.62 25.47 34.01
CA PRO C 16 34.62 24.43 34.29
C PRO C 16 33.24 25.01 34.50
N GLY C 17 32.24 24.36 33.92
CA GLY C 17 30.89 24.86 33.89
C GLY C 17 30.57 25.76 32.71
N GLY C 18 31.57 26.15 31.92
CA GLY C 18 31.35 26.99 30.77
C GLY C 18 30.77 26.24 29.58
N SER C 19 30.61 26.99 28.48
CA SER C 19 29.98 26.51 27.26
C SER C 19 30.79 26.93 26.04
N LEU C 20 30.74 26.11 25.01
CA LEU C 20 31.29 26.42 23.70
C LEU C 20 30.34 25.89 22.63
N ARG C 21 30.39 26.47 21.45
CA ARG C 21 29.64 25.91 20.32
C ARG C 21 30.61 25.72 19.17
N LEU C 22 30.91 24.46 18.85
CA LEU C 22 31.75 24.14 17.72
C LEU C 22 30.93 24.17 16.45
N SER C 23 31.60 24.51 15.36
CA SER C 23 31.01 24.46 14.05
C SER C 23 31.92 23.68 13.12
N CYS C 24 31.34 23.02 12.13
CA CYS C 24 32.12 22.48 11.02
C CYS C 24 31.44 22.85 9.73
N ALA C 25 32.16 23.58 8.88
CA ALA C 25 31.65 24.01 7.59
C ALA C 25 32.21 23.08 6.50
N ALA C 26 31.33 22.48 5.71
CA ALA C 26 31.75 21.58 4.66
C ALA C 26 31.72 22.31 3.31
N SER C 27 32.71 22.02 2.48
N SER C 27 32.71 22.03 2.47
CA SER C 27 32.81 22.58 1.14
CA SER C 27 32.74 22.59 1.12
C SER C 27 33.07 21.44 0.15
C SER C 27 33.19 21.52 0.15
N GLY C 28 32.94 21.77 -1.14
CA GLY C 28 33.22 20.83 -2.19
C GLY C 28 32.26 19.68 -2.30
N ARG C 29 31.20 19.65 -1.49
CA ARG C 29 30.13 18.66 -1.59
C ARG C 29 29.02 19.04 -0.63
N THR C 30 27.78 18.86 -1.08
N THR C 30 27.78 18.85 -1.09
CA THR C 30 26.64 19.09 -0.19
CA THR C 30 26.62 19.05 -0.22
C THR C 30 26.48 17.89 0.73
C THR C 30 26.50 17.86 0.73
N ILE C 31 26.36 18.15 2.03
CA ILE C 31 26.38 17.10 3.04
C ILE C 31 25.00 16.74 3.56
N SER C 32 23.93 17.33 3.02
CA SER C 32 22.60 17.04 3.54
C SER C 32 22.26 15.55 3.49
N ARG C 33 22.86 14.81 2.54
CA ARG C 33 22.57 13.38 2.39
C ARG C 33 23.34 12.49 3.36
N TYR C 34 24.27 13.02 4.14
CA TYR C 34 25.16 12.19 4.96
C TYR C 34 25.03 12.51 6.43
N ALA C 35 25.10 11.47 7.26
CA ALA C 35 25.35 11.70 8.68
C ALA C 35 26.69 12.40 8.86
N MET C 36 26.76 13.25 9.87
CA MET C 36 27.96 13.99 10.25
C MET C 36 28.24 13.73 11.72
N SER C 37 29.46 13.31 12.05
CA SER C 37 29.79 12.94 13.42
C SER C 37 30.87 13.84 14.00
N TRP C 38 30.87 13.94 15.33
CA TRP C 38 31.94 14.56 16.08
C TRP C 38 32.66 13.49 16.89
N PHE C 39 33.96 13.57 16.90
CA PHE C 39 34.87 12.73 17.67
C PHE C 39 35.79 13.65 18.45
N ARG C 40 36.50 13.12 19.44
CA ARG C 40 37.47 13.93 20.14
C ARG C 40 38.68 13.08 20.52
N GLN C 41 39.83 13.73 20.66
CA GLN C 41 41.01 13.00 21.10
C GLN C 41 41.82 13.86 22.06
N ALA C 42 42.04 13.35 23.26
CA ALA C 42 42.89 13.95 24.27
C ALA C 42 44.30 13.38 24.18
N PRO C 43 45.31 14.11 24.65
CA PRO C 43 46.69 13.63 24.49
C PRO C 43 46.89 12.30 25.19
N GLY C 44 47.59 11.40 24.51
CA GLY C 44 47.80 10.06 25.03
C GLY C 44 46.56 9.21 25.19
N LYS C 45 45.49 9.47 24.42
CA LYS C 45 44.30 8.64 24.45
C LYS C 45 43.83 8.43 23.01
N GLU C 46 43.02 7.38 22.81
CA GLU C 46 42.51 7.13 21.48
C GLU C 46 41.37 8.10 21.17
N ARG C 47 41.12 8.28 19.88
CA ARG C 47 39.99 9.09 19.45
C ARG C 47 38.69 8.43 19.91
N GLU C 48 37.75 9.24 20.37
CA GLU C 48 36.51 8.65 20.85
C GLU C 48 35.31 9.39 20.28
N PHE C 49 34.24 8.62 20.08
CA PHE C 49 33.00 9.15 19.54
C PHE C 49 32.34 10.11 20.52
N VAL C 50 31.76 11.19 19.98
CA VAL C 50 31.04 12.17 20.79
C VAL C 50 29.56 12.18 20.41
N ALA C 51 29.25 12.40 19.12
CA ALA C 51 27.87 12.56 18.69
C ALA C 51 27.75 12.42 17.18
N VAL C 52 26.54 12.08 16.70
CA VAL C 52 26.26 12.02 15.27
C VAL C 52 24.90 12.67 15.00
N ALA C 53 24.86 13.61 14.05
CA ALA C 53 23.62 14.11 13.46
C ALA C 53 23.36 13.32 12.19
N ARG C 54 22.36 12.44 12.18
CA ARG C 54 22.03 11.79 10.92
C ARG C 54 21.27 12.78 10.03
N ARG C 55 20.80 12.32 8.87
CA ARG C 55 20.00 13.21 8.02
C ARG C 55 18.83 13.77 8.80
N SER C 56 18.39 14.97 8.42
CA SER C 56 17.20 15.56 9.04
C SER C 56 16.04 14.57 9.02
N GLY C 57 15.48 14.31 10.20
CA GLY C 57 14.44 13.32 10.35
C GLY C 57 14.92 12.01 10.93
N ASP C 58 16.22 11.70 10.84
CA ASP C 58 16.76 10.44 11.32
C ASP C 58 17.40 10.52 12.70
N GLY C 59 17.52 11.71 13.29
CA GLY C 59 17.85 11.82 14.70
C GLY C 59 19.33 12.07 14.97
N ALA C 60 19.59 12.44 16.22
CA ALA C 60 20.93 12.64 16.76
C ALA C 60 21.21 11.58 17.81
N PHE C 61 22.44 11.07 17.86
CA PHE C 61 22.81 10.02 18.80
C PHE C 61 24.08 10.43 19.53
N TYR C 62 24.23 10.01 20.79
CA TYR C 62 25.26 10.55 21.67
C TYR C 62 26.04 9.48 22.41
N ALA C 63 27.30 9.81 22.69
CA ALA C 63 28.12 9.02 23.63
C ALA C 63 27.62 9.20 25.05
N ASP C 64 27.83 8.18 25.89
CA ASP C 64 27.33 8.37 27.25
C ASP C 64 28.15 9.38 28.05
N SER C 65 29.35 9.73 27.61
CA SER C 65 30.15 10.71 28.34
C SER C 65 29.63 12.15 28.18
N VAL C 66 28.74 12.41 27.22
CA VAL C 66 28.28 13.78 26.96
C VAL C 66 26.78 13.92 27.05
N GLN C 67 26.07 12.85 27.39
CA GLN C 67 24.61 12.92 27.38
C GLN C 67 24.14 14.01 28.34
N GLY C 68 23.06 14.69 27.95
CA GLY C 68 22.50 15.77 28.75
C GLY C 68 23.28 17.05 28.76
N ARG C 69 24.46 17.09 28.14
CA ARG C 69 25.32 18.28 28.12
C ARG C 69 25.58 18.81 26.72
N PHE C 70 25.77 17.93 25.73
CA PHE C 70 26.13 18.33 24.38
C PHE C 70 24.95 18.10 23.46
N THR C 71 24.81 18.97 22.46
CA THR C 71 23.77 18.82 21.44
C THR C 71 24.38 19.01 20.08
N VAL C 72 24.21 18.03 19.19
CA VAL C 72 24.64 18.17 17.80
C VAL C 72 23.44 18.57 16.96
N SER C 73 23.66 19.43 15.97
CA SER C 73 22.60 19.86 15.08
C SER C 73 23.19 20.21 13.72
N ARG C 74 22.34 20.45 12.75
CA ARG C 74 22.86 20.74 11.42
C ARG C 74 22.05 21.84 10.77
N ASP C 75 22.68 22.52 9.81
CA ASP C 75 22.03 23.52 8.95
C ASP C 75 22.31 23.09 7.52
N ASP C 76 21.37 22.33 6.94
CA ASP C 76 21.57 21.81 5.59
C ASP C 76 21.73 22.92 4.57
N ALA C 77 20.98 24.01 4.75
CA ALA C 77 21.09 25.16 3.83
C ALA C 77 22.50 25.74 3.80
N LYS C 78 23.20 25.71 4.93
CA LYS C 78 24.53 26.30 5.05
C LYS C 78 25.64 25.26 4.99
N ASN C 79 25.29 23.98 4.80
CA ASN C 79 26.29 22.93 4.67
C ASN C 79 27.17 22.84 5.93
N THR C 80 26.57 23.05 7.10
CA THR C 80 27.30 23.20 8.34
C THR C 80 26.66 22.34 9.42
N VAL C 81 27.49 21.85 10.36
CA VAL C 81 27.00 21.14 11.53
C VAL C 81 27.61 21.79 12.77
N TYR C 82 26.93 21.58 13.90
CA TYR C 82 27.24 22.27 15.14
C TYR C 82 27.27 21.27 16.28
N LEU C 83 28.08 21.59 17.30
CA LEU C 83 28.13 20.86 18.55
C LEU C 83 28.04 21.88 19.69
N GLN C 84 26.86 22.00 20.29
CA GLN C 84 26.71 22.85 21.47
C GLN C 84 27.25 22.07 22.67
N MET C 85 28.18 22.65 23.42
CA MET C 85 28.84 21.96 24.52
CA MET C 85 28.85 21.97 24.52
C MET C 85 28.61 22.75 25.79
N ASN C 86 27.74 22.24 26.66
CA ASN C 86 27.42 22.90 27.92
C ASN C 86 28.00 22.14 29.11
N SER C 87 28.07 22.84 30.25
CA SER C 87 28.53 22.27 31.52
C SER C 87 29.86 21.56 31.37
N LEU C 88 30.82 22.25 30.75
CA LEU C 88 32.09 21.63 30.40
C LEU C 88 32.89 21.26 31.65
N LYS C 89 33.62 20.16 31.54
N LYS C 89 33.61 20.16 31.55
CA LYS C 89 34.45 19.61 32.59
CA LYS C 89 34.46 19.63 32.60
C LYS C 89 35.90 19.60 32.11
C LYS C 89 35.90 19.59 32.12
N PRO C 90 36.87 19.61 33.04
CA PRO C 90 38.27 19.40 32.62
C PRO C 90 38.47 18.19 31.71
N GLU C 91 37.80 17.06 31.98
CA GLU C 91 37.94 15.85 31.17
C GLU C 91 37.40 16.01 29.76
N ASP C 92 36.74 17.12 29.42
CA ASP C 92 36.32 17.35 28.04
C ASP C 92 37.43 17.98 27.18
N THR C 93 38.55 18.35 27.79
CA THR C 93 39.70 18.90 27.05
C THR C 93 40.17 17.91 25.99
N ALA C 94 40.25 18.35 24.74
CA ALA C 94 40.64 17.49 23.63
C ALA C 94 40.64 18.33 22.37
N VAL C 95 41.22 17.77 21.31
CA VAL C 95 40.96 18.24 19.96
C VAL C 95 39.68 17.57 19.46
N TYR C 96 38.75 18.36 18.94
CA TYR C 96 37.48 17.84 18.43
C TYR C 96 37.47 17.82 16.91
N TYR C 97 37.01 16.73 16.33
CA TYR C 97 37.04 16.50 14.88
C TYR C 97 35.63 16.24 14.35
N CYS C 98 35.32 16.78 13.17
CA CYS C 98 34.12 16.40 12.46
CA CYS C 98 34.11 16.46 12.41
C CYS C 98 34.45 15.46 11.32
N ALA C 99 33.61 14.43 11.13
CA ALA C 99 33.77 13.49 10.02
C ALA C 99 32.46 13.24 9.31
N ILE C 100 32.52 13.05 7.99
CA ILE C 100 31.37 12.65 7.19
C ILE C 100 31.28 11.13 7.22
N ASP C 101 30.08 10.60 7.44
CA ASP C 101 29.83 9.18 7.18
C ASP C 101 29.50 9.04 5.69
N SER C 102 30.42 8.45 4.92
CA SER C 102 30.21 8.28 3.48
C SER C 102 29.08 7.32 3.16
N ASP C 103 28.70 6.45 4.08
CA ASP C 103 27.65 5.46 3.83
C ASP C 103 26.30 6.10 4.13
N THR C 104 25.45 6.26 3.10
CA THR C 104 24.13 6.82 3.38
C THR C 104 23.29 5.90 4.24
N PHE C 105 23.67 4.63 4.37
CA PHE C 105 22.96 3.72 5.24
C PHE C 105 23.55 3.65 6.65
N TYR C 106 24.47 4.56 6.98
CA TYR C 106 24.84 4.88 8.36
C TYR C 106 25.74 3.84 9.02
N SER C 107 26.57 3.13 8.26
CA SER C 107 27.46 2.16 8.88
C SER C 107 28.73 2.80 9.47
N GLY C 108 28.93 4.10 9.30
CA GLY C 108 30.11 4.72 9.88
C GLY C 108 31.33 4.63 9.00
N SER C 109 31.17 4.85 7.70
CA SER C 109 32.30 4.82 6.76
C SER C 109 32.94 6.21 6.72
N TYR C 110 33.85 6.44 7.67
CA TYR C 110 34.37 7.79 7.92
C TYR C 110 35.63 7.99 7.07
N ASP C 111 35.43 8.43 5.84
CA ASP C 111 36.53 8.69 4.93
C ASP C 111 37.08 10.11 5.04
N TYR C 112 36.21 11.11 5.15
CA TYR C 112 36.65 12.50 5.15
C TYR C 112 36.57 13.07 6.56
N TRP C 113 37.68 13.62 7.04
CA TRP C 113 37.81 14.15 8.39
C TRP C 113 38.31 15.58 8.33
N GLY C 114 37.84 16.43 9.25
CA GLY C 114 38.50 17.71 9.45
C GLY C 114 39.80 17.56 10.23
N GLN C 115 40.60 18.64 10.25
CA GLN C 115 41.84 18.62 11.02
C GLN C 115 41.61 18.80 12.51
N GLY C 116 40.40 19.16 12.91
CA GLY C 116 40.10 19.29 14.32
C GLY C 116 40.28 20.71 14.83
N THR C 117 39.68 20.96 15.99
CA THR C 117 39.83 22.26 16.65
C THR C 117 39.89 22.02 18.14
N GLN C 118 40.69 22.82 18.81
CA GLN C 118 41.12 22.54 20.17
C GLN C 118 40.11 23.06 21.19
N VAL C 119 39.78 22.24 22.19
CA VAL C 119 38.98 22.67 23.33
C VAL C 119 39.77 22.44 24.61
N THR C 120 39.87 23.48 25.45
CA THR C 120 40.53 23.38 26.74
C THR C 120 39.59 23.83 27.84
N VAL C 121 39.39 22.99 28.85
CA VAL C 121 38.58 23.33 30.02
C VAL C 121 39.49 23.25 31.23
N SER C 122 39.78 24.40 31.84
CA SER C 122 40.78 24.39 32.90
C SER C 122 40.42 25.41 33.96
N SER C 123 40.59 24.99 35.21
CA SER C 123 40.41 25.86 36.37
C SER C 123 41.44 26.99 36.39
N GLN D 16 -5.23 16.45 -31.67
CA GLN D 16 -6.46 16.01 -31.03
C GLN D 16 -7.66 16.86 -31.46
N ASP D 17 -8.81 16.20 -31.56
CA ASP D 17 -10.06 16.85 -31.94
C ASP D 17 -10.72 17.36 -30.66
N VAL D 18 -10.59 18.66 -30.39
CA VAL D 18 -11.13 19.30 -29.19
C VAL D 18 -12.25 20.24 -29.62
N ASN D 19 -13.48 19.91 -29.22
CA ASN D 19 -14.64 20.74 -29.57
C ASN D 19 -14.80 21.79 -28.49
N VAL D 20 -14.25 22.98 -28.74
CA VAL D 20 -14.32 24.04 -27.74
C VAL D 20 -15.75 24.51 -27.55
N ALA D 21 -16.61 24.38 -28.57
CA ALA D 21 -18.01 24.80 -28.47
C ALA D 21 -18.71 24.23 -27.24
N SER D 22 -18.52 22.94 -26.94
CA SER D 22 -19.22 22.38 -25.78
C SER D 22 -18.62 22.89 -24.46
N ILE D 23 -17.33 23.27 -24.45
CA ILE D 23 -16.74 23.88 -23.25
C ILE D 23 -17.36 25.24 -22.98
N THR D 24 -17.44 26.08 -24.01
CA THR D 24 -18.15 27.36 -23.91
C THR D 24 -19.58 27.20 -23.37
N ALA D 25 -20.36 26.26 -23.95
CA ALA D 25 -21.73 26.06 -23.52
C ALA D 25 -21.80 25.57 -22.08
N PHE D 26 -20.93 24.63 -21.72
CA PHE D 26 -20.89 24.14 -20.34
C PHE D 26 -20.62 25.28 -19.35
N LYS D 27 -19.60 26.09 -19.64
CA LYS D 27 -19.30 27.23 -18.78
C LYS D 27 -20.53 28.13 -18.60
N SER D 28 -21.23 28.42 -19.70
CA SER D 28 -22.39 29.30 -19.60
C SER D 28 -23.50 28.67 -18.76
N MET D 29 -23.70 27.35 -18.92
CA MET D 29 -24.68 26.62 -18.11
C MET D 29 -24.36 26.71 -16.62
N ILE D 30 -23.09 26.49 -16.24
CA ILE D 30 -22.73 26.54 -14.82
C ILE D 30 -22.90 27.96 -14.27
N ASP D 31 -22.45 28.98 -15.03
CA ASP D 31 -22.67 30.37 -14.60
C ASP D 31 -24.15 30.64 -14.30
N GLU D 32 -25.03 30.14 -15.17
CA GLU D 32 -26.45 30.42 -15.06
C GLU D 32 -27.06 29.73 -13.85
N THR D 33 -26.68 28.48 -13.59
CA THR D 33 -27.38 27.63 -12.65
C THR D 33 -26.66 27.48 -11.30
N TRP D 34 -25.50 28.13 -11.12
CA TRP D 34 -24.64 27.90 -9.95
C TRP D 34 -25.38 28.11 -8.63
N ASP D 35 -26.22 29.15 -8.55
CA ASP D 35 -26.95 29.43 -7.32
C ASP D 35 -28.44 29.12 -7.45
N LYS D 36 -28.82 28.27 -8.39
CA LYS D 36 -30.22 27.91 -8.57
C LYS D 36 -30.56 26.74 -7.65
N LYS D 37 -31.45 26.96 -6.69
CA LYS D 37 -31.70 25.94 -5.68
C LYS D 37 -32.45 24.74 -6.26
N ILE D 38 -32.02 23.55 -5.89
CA ILE D 38 -32.76 22.34 -6.26
C ILE D 38 -33.98 22.25 -5.37
N GLU D 39 -35.16 22.33 -5.96
CA GLU D 39 -36.43 22.15 -5.28
C GLU D 39 -36.95 20.74 -5.55
N ALA D 40 -38.19 20.48 -5.13
CA ALA D 40 -38.73 19.11 -5.18
C ALA D 40 -38.82 18.58 -6.61
N ASN D 41 -39.24 19.40 -7.56
CA ASN D 41 -39.40 18.94 -8.94
C ASN D 41 -38.27 19.35 -9.87
N THR D 42 -37.29 20.11 -9.39
CA THR D 42 -36.24 20.64 -10.26
C THR D 42 -35.61 19.56 -11.13
N CYS D 43 -35.45 19.87 -12.41
CA CYS D 43 -34.83 18.93 -13.34
C CYS D 43 -33.87 19.68 -14.25
N ILE D 44 -33.01 18.92 -14.92
CA ILE D 44 -32.08 19.49 -15.89
C ILE D 44 -32.80 19.65 -17.22
N SER D 45 -32.78 20.86 -17.78
CA SER D 45 -33.53 21.17 -18.99
C SER D 45 -32.97 20.42 -20.20
N ARG D 46 -33.76 20.38 -21.29
CA ARG D 46 -33.30 19.75 -22.51
C ARG D 46 -31.99 20.37 -22.98
N LYS D 47 -31.92 21.70 -23.01
CA LYS D 47 -30.70 22.38 -23.43
C LYS D 47 -29.50 21.93 -22.58
N HIS D 48 -29.68 21.91 -21.25
CA HIS D 48 -28.55 21.62 -20.38
C HIS D 48 -28.17 20.15 -20.43
N ARG D 49 -29.16 19.26 -20.54
CA ARG D 49 -28.85 17.85 -20.77
C ARG D 49 -28.01 17.66 -22.01
N ASN D 50 -28.38 18.34 -23.10
CA ASN D 50 -27.63 18.16 -24.33
C ASN D 50 -26.22 18.70 -24.19
N ILE D 51 -26.04 19.78 -23.42
CA ILE D 51 -24.69 20.29 -23.19
C ILE D 51 -23.88 19.26 -22.41
N ILE D 52 -24.46 18.71 -21.35
CA ILE D 52 -23.75 17.68 -20.56
C ILE D 52 -23.35 16.51 -21.45
N HIS D 53 -24.32 16.00 -22.20
CA HIS D 53 -24.14 14.91 -23.16
C HIS D 53 -22.98 15.20 -24.12
N GLU D 54 -22.98 16.40 -24.73
CA GLU D 54 -21.89 16.79 -25.63
C GLU D 54 -20.54 16.79 -24.91
N VAL D 55 -20.51 17.32 -23.67
CA VAL D 55 -19.24 17.46 -22.95
C VAL D 55 -18.60 16.10 -22.76
N ILE D 56 -19.39 15.12 -22.31
CA ILE D 56 -18.85 13.78 -22.04
CA ILE D 56 -18.78 13.82 -22.03
C ILE D 56 -18.38 13.12 -23.33
N ARG D 57 -19.18 13.26 -24.40
CA ARG D 57 -18.82 12.67 -25.69
C ARG D 57 -17.59 13.35 -26.29
N ASP D 58 -17.49 14.69 -26.14
CA ASP D 58 -16.32 15.40 -26.66
C ASP D 58 -15.06 15.08 -25.88
N PHE D 59 -15.20 14.92 -24.55
CA PHE D 59 -14.08 14.44 -23.73
C PHE D 59 -13.57 13.11 -24.28
N MET D 60 -14.48 12.18 -24.57
CA MET D 60 -14.07 10.87 -25.07
C MET D 60 -13.36 10.99 -26.40
N LYS D 61 -13.90 11.82 -27.31
CA LYS D 61 -13.39 11.91 -28.68
C LYS D 61 -11.99 12.51 -28.75
N ALA D 62 -11.59 13.33 -27.77
CA ALA D 62 -10.29 14.01 -27.87
C ALA D 62 -9.11 13.03 -27.81
N TYR D 63 -9.20 12.01 -26.95
CA TYR D 63 -8.17 10.97 -26.87
C TYR D 63 -8.88 9.63 -26.85
N PRO D 64 -9.27 9.12 -28.02
CA PRO D 64 -10.29 8.07 -28.09
C PRO D 64 -9.77 6.64 -27.99
N LYS D 65 -8.45 6.43 -28.06
CA LYS D 65 -7.87 5.09 -28.02
C LYS D 65 -6.65 5.05 -27.11
N MET D 66 -6.42 3.89 -26.50
CA MET D 66 -5.17 3.64 -25.80
C MET D 66 -3.96 3.60 -26.74
N ASP D 67 -2.79 3.89 -26.19
CA ASP D 67 -1.54 3.73 -26.91
C ASP D 67 -1.16 2.26 -26.95
N GLU D 68 -0.50 1.86 -28.05
CA GLU D 68 -0.13 0.44 -28.19
C GLU D 68 0.79 -0.03 -27.07
N ASN D 69 1.69 0.82 -26.58
CA ASN D 69 2.58 0.41 -25.51
C ASN D 69 1.97 0.55 -24.12
N LYS D 70 0.67 0.88 -24.00
CA LYS D 70 0.13 1.07 -22.66
C LYS D 70 -1.37 0.77 -22.71
N LYS D 71 -1.71 -0.50 -22.89
CA LYS D 71 -3.09 -0.89 -23.09
C LYS D 71 -3.45 -2.02 -22.14
N SER D 72 -4.76 -2.22 -21.99
CA SER D 72 -5.31 -3.19 -21.06
C SER D 72 -5.45 -4.55 -21.74
N PRO D 73 -4.86 -5.61 -21.19
CA PRO D 73 -5.10 -6.95 -21.77
C PRO D 73 -6.49 -7.47 -21.49
N LEU D 74 -7.29 -6.78 -20.68
CA LEU D 74 -8.70 -7.11 -20.52
C LEU D 74 -9.57 -6.33 -21.47
N GLY D 75 -9.01 -5.41 -22.25
CA GLY D 75 -9.83 -4.58 -23.11
C GLY D 75 -10.57 -3.45 -22.41
N ALA D 76 -10.26 -3.16 -21.17
CA ALA D 76 -10.89 -2.03 -20.51
C ALA D 76 -10.45 -0.72 -21.17
N PRO D 77 -11.35 0.26 -21.30
CA PRO D 77 -11.01 1.48 -22.05
C PRO D 77 -10.28 2.49 -21.17
N MET D 78 -8.99 2.19 -20.90
CA MET D 78 -8.17 2.96 -19.95
C MET D 78 -7.99 4.41 -20.37
N GLN D 79 -8.16 4.72 -21.66
CA GLN D 79 -8.00 6.10 -22.12
C GLN D 79 -9.01 7.04 -21.47
N TRP D 80 -10.15 6.52 -21.00
CA TRP D 80 -11.13 7.38 -20.33
C TRP D 80 -11.17 7.14 -18.83
N LEU D 81 -10.28 6.30 -18.30
CA LEU D 81 -10.36 5.86 -16.91
C LEU D 81 -9.14 6.19 -16.07
N THR D 82 -8.04 6.63 -16.70
CA THR D 82 -6.78 6.78 -15.99
C THR D 82 -6.17 8.16 -16.25
N GLN D 83 -5.44 8.64 -15.24
CA GLN D 83 -4.75 9.92 -15.34
C GLN D 83 -3.68 9.90 -16.43
N TYR D 84 -3.04 8.75 -16.66
CA TYR D 84 -2.05 8.62 -17.72
C TYR D 84 -2.59 9.19 -19.02
N TYR D 85 -3.83 8.89 -19.36
CA TYR D 85 -4.45 9.39 -20.59
C TYR D 85 -5.19 10.70 -20.37
N ILE D 86 -5.94 10.83 -19.26
CA ILE D 86 -6.80 12.00 -19.10
C ILE D 86 -5.98 13.28 -18.96
N LEU D 87 -4.83 13.19 -18.29
CA LEU D 87 -4.01 14.38 -18.11
C LEU D 87 -3.37 14.85 -19.41
N LYS D 88 -3.32 14.02 -20.46
CA LYS D 88 -2.87 14.48 -21.77
C LYS D 88 -4.03 14.59 -22.77
N ASN D 89 -5.27 14.48 -22.30
CA ASN D 89 -6.45 14.71 -23.12
C ASN D 89 -6.65 16.23 -23.21
N GLU D 90 -6.53 16.78 -24.42
CA GLU D 90 -6.58 18.24 -24.54
C GLU D 90 -7.96 18.81 -24.28
N TYR D 91 -9.02 17.99 -24.38
CA TYR D 91 -10.33 18.48 -24.01
C TYR D 91 -10.42 18.64 -22.50
N HIS D 92 -9.98 17.62 -21.76
CA HIS D 92 -9.86 17.74 -20.31
C HIS D 92 -9.05 18.97 -19.93
N LYS D 93 -7.87 19.13 -20.53
CA LYS D 93 -6.99 20.24 -20.17
C LYS D 93 -7.65 21.59 -20.44
N THR D 94 -8.25 21.74 -21.63
CA THR D 94 -8.84 23.02 -22.02
C THR D 94 -10.05 23.35 -21.13
N MET D 95 -10.87 22.35 -20.83
CA MET D 95 -12.01 22.57 -19.94
C MET D 95 -11.57 23.01 -18.54
N LEU D 96 -10.61 22.29 -17.94
CA LEU D 96 -10.20 22.65 -16.59
C LEU D 96 -9.48 23.99 -16.56
N ALA D 97 -8.85 24.40 -17.66
CA ALA D 97 -8.15 25.67 -17.67
C ALA D 97 -9.03 26.83 -18.11
N TYR D 98 -10.25 26.56 -18.58
CA TYR D 98 -11.08 27.60 -19.18
C TYR D 98 -11.32 28.75 -18.21
N ASP D 99 -11.33 29.99 -18.72
CA ASP D 99 -11.61 31.17 -17.90
C ASP D 99 -10.71 31.21 -16.67
N ASN D 100 -9.41 31.06 -16.91
CA ASN D 100 -8.38 31.10 -15.87
C ASN D 100 -8.69 30.11 -14.75
N GLY D 101 -9.20 28.95 -15.15
CA GLY D 101 -9.50 27.89 -14.20
C GLY D 101 -10.65 28.14 -13.26
N SER D 102 -11.59 29.05 -13.59
CA SER D 102 -12.62 29.41 -12.63
C SER D 102 -13.56 28.26 -12.31
N LEU D 103 -13.83 27.35 -13.27
CA LEU D 103 -14.69 26.21 -12.94
C LEU D 103 -13.96 25.23 -12.04
N ASN D 104 -12.65 25.08 -12.23
CA ASN D 104 -11.88 24.20 -11.38
C ASN D 104 -11.87 24.73 -9.95
N THR D 105 -11.76 26.05 -9.80
CA THR D 105 -11.85 26.66 -8.47
C THR D 105 -13.18 26.34 -7.80
N LYS D 106 -14.29 26.49 -8.51
CA LYS D 106 -15.59 26.16 -7.95
C LYS D 106 -15.71 24.67 -7.67
N PHE D 107 -15.20 23.85 -8.57
CA PHE D 107 -15.30 22.41 -8.43
C PHE D 107 -14.63 21.94 -7.15
N LYS D 108 -13.49 22.53 -6.79
CA LYS D 108 -12.74 22.12 -5.59
C LYS D 108 -13.48 22.39 -4.29
N THR D 109 -14.52 23.23 -4.30
CA THR D 109 -15.31 23.48 -3.10
C THR D 109 -16.41 22.44 -2.88
N LEU D 110 -16.60 21.46 -3.76
CA LEU D 110 -17.82 20.67 -3.77
C LEU D 110 -17.59 19.25 -3.26
N ASN D 111 -18.63 18.68 -2.66
CA ASN D 111 -18.72 17.26 -2.40
C ASN D 111 -20.20 16.92 -2.32
N ILE D 112 -20.51 15.62 -2.31
CA ILE D 112 -21.91 15.18 -2.42
CA ILE D 112 -21.92 15.23 -2.46
C ILE D 112 -22.75 15.68 -1.27
N TYR D 113 -22.14 15.83 -0.09
CA TYR D 113 -22.94 16.12 1.11
C TYR D 113 -23.37 17.57 1.21
N MET D 114 -22.69 18.50 0.56
CA MET D 114 -23.05 19.91 0.68
C MET D 114 -23.82 20.46 -0.52
N ILE D 115 -23.96 19.70 -1.61
CA ILE D 115 -24.58 20.23 -2.82
C ILE D 115 -26.06 20.55 -2.57
N THR D 116 -26.46 21.78 -2.93
CA THR D 116 -27.87 22.15 -2.87
C THR D 116 -28.39 22.82 -4.14
N ASN D 117 -27.53 23.21 -5.08
CA ASN D 117 -27.89 24.01 -6.23
C ASN D 117 -27.60 23.27 -7.53
N VAL D 118 -28.34 23.64 -8.59
CA VAL D 118 -28.27 22.91 -9.85
C VAL D 118 -26.86 22.96 -10.43
N GLY D 119 -26.25 24.15 -10.48
CA GLY D 119 -24.92 24.26 -11.06
C GLY D 119 -23.86 23.53 -10.27
N GLN D 120 -24.01 23.45 -8.95
CA GLN D 120 -23.09 22.64 -8.15
C GLN D 120 -23.21 21.17 -8.53
N TYR D 121 -24.45 20.67 -8.57
CA TYR D 121 -24.70 19.28 -8.92
C TYR D 121 -24.09 18.94 -10.28
N ILE D 122 -24.35 19.75 -11.30
CA ILE D 122 -23.84 19.44 -12.64
C ILE D 122 -22.33 19.55 -12.67
N LEU D 123 -21.78 20.61 -12.10
CA LEU D 123 -20.33 20.77 -12.15
C LEU D 123 -19.63 19.61 -11.46
N TYR D 124 -20.14 19.20 -10.28
CA TYR D 124 -19.49 18.13 -9.52
C TYR D 124 -19.53 16.80 -10.27
N ILE D 125 -20.71 16.38 -10.71
CA ILE D 125 -20.83 15.08 -11.39
C ILE D 125 -20.01 15.05 -12.67
N VAL D 126 -20.08 16.12 -13.48
CA VAL D 126 -19.46 16.09 -14.79
C VAL D 126 -17.94 16.26 -14.70
N PHE D 127 -17.46 17.18 -13.84
CA PHE D 127 -16.01 17.34 -13.71
C PHE D 127 -15.38 16.10 -13.10
N CYS D 128 -16.08 15.41 -12.20
CA CYS D 128 -15.57 14.11 -11.76
C CYS D 128 -15.38 13.17 -12.95
N ILE D 129 -16.42 13.01 -13.78
CA ILE D 129 -16.35 12.08 -14.92
C ILE D 129 -15.23 12.49 -15.89
N ILE D 130 -15.17 13.76 -16.31
CA ILE D 130 -14.17 14.10 -17.31
CA ILE D 130 -14.17 14.14 -17.30
C ILE D 130 -12.80 14.36 -16.70
N SER D 131 -12.66 14.15 -15.37
CA SER D 131 -11.34 14.02 -14.75
CA SER D 131 -11.34 14.02 -14.76
C SER D 131 -11.02 12.58 -14.39
N GLY D 132 -11.93 11.63 -14.65
CA GLY D 132 -11.68 10.24 -14.27
C GLY D 132 -11.60 10.02 -12.78
N LYS D 133 -12.40 10.74 -11.99
CA LYS D 133 -12.34 10.70 -10.53
C LYS D 133 -13.66 10.20 -9.95
N ASN D 134 -13.56 9.28 -8.98
CA ASN D 134 -14.66 8.97 -8.09
C ASN D 134 -14.97 10.15 -7.19
N HIS D 135 -16.14 10.10 -6.54
CA HIS D 135 -16.51 11.16 -5.62
C HIS D 135 -15.65 11.15 -4.38
N ASP D 136 -14.98 10.03 -4.11
CA ASP D 136 -14.05 9.99 -2.99
C ASP D 136 -12.68 10.54 -3.38
N GLY D 137 -12.50 10.97 -4.63
CA GLY D 137 -11.24 11.53 -5.09
C GLY D 137 -10.26 10.55 -5.68
N THR D 138 -10.55 9.24 -5.61
CA THR D 138 -9.62 8.32 -6.25
C THR D 138 -9.86 8.30 -7.75
N PRO D 139 -8.81 8.05 -8.54
CA PRO D 139 -9.01 7.82 -9.98
C PRO D 139 -9.76 6.52 -10.21
N TYR D 140 -10.53 6.47 -11.29
CA TYR D 140 -11.29 5.24 -11.58
C TYR D 140 -10.38 4.01 -11.58
N ILE D 141 -9.24 4.09 -12.28
CA ILE D 141 -8.22 3.05 -12.32
C ILE D 141 -6.88 3.74 -12.11
N TYR D 142 -5.94 3.09 -11.40
CA TYR D 142 -4.61 3.66 -11.21
C TYR D 142 -3.73 3.45 -12.45
N ASP D 143 -2.79 4.38 -12.67
CA ASP D 143 -1.90 4.27 -13.83
C ASP D 143 -1.13 2.96 -13.83
N SER D 144 -0.62 2.54 -12.68
CA SER D 144 0.15 1.31 -12.69
C SER D 144 -0.72 0.08 -12.89
N GLU D 145 -2.04 0.24 -12.95
CA GLU D 145 -2.96 -0.87 -13.21
C GLU D 145 -3.40 -0.96 -14.68
N ILE D 146 -2.97 -0.03 -15.52
CA ILE D 146 -3.45 -0.01 -16.91
C ILE D 146 -3.23 -1.36 -17.58
N THR D 147 -2.04 -1.92 -17.42
CA THR D 147 -1.66 -3.14 -18.10
C THR D 147 -2.04 -4.40 -17.34
N SER D 148 -2.75 -4.28 -16.23
CA SER D 148 -3.04 -5.43 -15.38
C SER D 148 -4.01 -6.39 -16.05
N ASN D 149 -3.77 -7.69 -15.88
CA ASN D 149 -4.80 -8.65 -16.28
C ASN D 149 -5.55 -9.23 -15.08
N ASP D 150 -5.47 -8.58 -13.93
CA ASP D 150 -6.21 -9.02 -12.74
C ASP D 150 -7.64 -8.51 -12.86
N LYS D 151 -8.56 -9.37 -13.28
CA LYS D 151 -9.93 -8.89 -13.46
C LYS D 151 -10.60 -8.59 -12.12
N ASN D 152 -10.06 -9.13 -11.03
N ASN D 152 -10.05 -9.05 -11.00
CA ASN D 152 -10.68 -8.93 -9.73
CA ASN D 152 -10.74 -8.89 -9.74
C ASN D 152 -10.70 -7.45 -9.35
C ASN D 152 -10.51 -7.56 -9.06
N PHE D 153 -9.59 -6.73 -9.54
CA PHE D 153 -9.71 -5.32 -9.21
C PHE D 153 -10.03 -4.44 -10.41
N ILE D 154 -9.69 -4.82 -11.64
CA ILE D 154 -10.07 -3.97 -12.78
C ILE D 154 -11.58 -3.90 -12.92
N ASN D 155 -12.26 -5.07 -12.97
CA ASN D 155 -13.72 -5.05 -13.09
C ASN D 155 -14.38 -4.39 -11.88
N GLU D 156 -13.90 -4.67 -10.66
CA GLU D 156 -14.52 -4.13 -9.45
C GLU D 156 -14.35 -2.62 -9.35
N ARG D 157 -13.18 -2.09 -9.74
CA ARG D 157 -13.01 -0.64 -9.72
C ARG D 157 -14.05 0.05 -10.61
N ILE D 158 -14.40 -0.57 -11.73
CA ILE D 158 -15.34 0.07 -12.65
C ILE D 158 -16.76 -0.05 -12.14
N LYS D 159 -17.12 -1.20 -11.55
CA LYS D 159 -18.40 -1.31 -10.85
C LYS D 159 -18.53 -0.26 -9.75
N TYR D 160 -17.48 -0.08 -8.95
CA TYR D 160 -17.49 0.94 -7.90
C TYR D 160 -17.73 2.31 -8.47
N ALA D 161 -16.96 2.68 -9.50
CA ALA D 161 -17.11 4.00 -10.11
C ALA D 161 -18.51 4.22 -10.68
N CYS D 162 -19.03 3.22 -11.40
CA CYS D 162 -20.37 3.33 -12.00
C CYS D 162 -21.45 3.49 -10.93
N LYS D 163 -21.38 2.68 -9.89
CA LYS D 163 -22.37 2.74 -8.82
CA LYS D 163 -22.39 2.75 -8.84
C LYS D 163 -22.31 4.06 -8.08
N GLN D 164 -21.11 4.59 -7.89
CA GLN D 164 -20.97 5.80 -7.07
C GLN D 164 -21.51 7.02 -7.80
N ILE D 165 -21.38 7.06 -9.12
CA ILE D 165 -21.99 8.16 -9.87
C ILE D 165 -23.49 8.23 -9.59
N LEU D 166 -24.15 7.08 -9.63
CA LEU D 166 -25.61 7.03 -9.49
C LEU D 166 -26.04 7.17 -8.03
N HIS D 167 -25.36 6.43 -7.14
CA HIS D 167 -25.72 6.48 -5.73
C HIS D 167 -25.46 7.87 -5.12
N GLY D 168 -24.35 8.50 -5.50
CA GLY D 168 -24.10 9.87 -5.05
C GLY D 168 -25.26 10.79 -5.37
N GLN D 169 -25.79 10.68 -6.58
CA GLN D 169 -26.93 11.49 -6.97
C GLN D 169 -28.20 11.13 -6.20
N LEU D 170 -28.42 9.83 -5.96
CA LEU D 170 -29.54 9.41 -5.12
C LEU D 170 -29.41 9.93 -3.69
N THR D 171 -28.19 9.97 -3.16
CA THR D 171 -27.97 10.51 -1.81
CA THR D 171 -28.04 10.50 -1.80
C THR D 171 -28.39 11.97 -1.74
N ILE D 172 -28.04 12.73 -2.78
CA ILE D 172 -28.47 14.13 -2.85
C ILE D 172 -29.98 14.22 -2.94
N ALA D 173 -30.57 13.49 -3.88
CA ALA D 173 -32.01 13.53 -4.08
C ALA D 173 -32.77 13.22 -2.79
N LEU D 174 -32.24 12.29 -1.98
CA LEU D 174 -32.94 11.92 -0.74
C LEU D 174 -32.78 13.01 0.32
N ARG D 175 -31.59 13.61 0.43
CA ARG D 175 -31.37 14.69 1.38
C ARG D 175 -32.23 15.90 1.06
N ILE D 176 -32.25 16.30 -0.21
CA ILE D 176 -33.01 17.48 -0.63
C ILE D 176 -34.48 17.16 -0.89
N ARG D 177 -34.81 15.89 -1.08
CA ARG D 177 -36.15 15.45 -1.49
C ARG D 177 -36.49 15.99 -2.88
N ASN D 178 -35.64 15.64 -3.84
CA ASN D 178 -35.79 16.01 -5.23
C ASN D 178 -36.16 14.81 -6.08
N LYS D 179 -37.04 15.04 -7.05
CA LYS D 179 -37.62 13.99 -7.86
C LYS D 179 -36.88 13.71 -9.18
N PHE D 180 -36.31 14.72 -9.84
CA PHE D 180 -36.00 14.54 -11.26
C PHE D 180 -34.57 14.89 -11.73
N MET D 181 -33.65 15.33 -10.84
CA MET D 181 -32.27 15.59 -11.28
C MET D 181 -31.63 14.28 -11.75
N PHE D 182 -30.94 14.30 -12.89
CA PHE D 182 -30.35 13.06 -13.40
C PHE D 182 -29.23 13.32 -14.39
N ILE D 183 -28.08 12.70 -14.15
CA ILE D 183 -26.96 12.57 -15.09
C ILE D 183 -26.57 11.11 -15.05
N GLY D 184 -26.36 10.51 -16.21
CA GLY D 184 -26.12 9.08 -16.23
C GLY D 184 -24.65 8.71 -15.95
N SER D 185 -24.43 7.41 -15.78
CA SER D 185 -23.08 6.83 -15.86
CA SER D 185 -23.08 6.86 -15.85
C SER D 185 -22.80 6.48 -17.30
N PRO D 186 -21.82 7.09 -17.96
CA PRO D 186 -21.67 6.89 -19.40
C PRO D 186 -21.32 5.44 -19.72
N MET D 187 -21.51 5.08 -21.00
CA MET D 187 -21.52 3.68 -21.39
C MET D 187 -20.19 2.98 -21.10
N TYR D 188 -19.06 3.69 -21.16
CA TYR D 188 -17.79 2.99 -21.02
C TYR D 188 -17.56 2.56 -19.59
N LEU D 189 -18.25 3.19 -18.62
CA LEU D 189 -18.16 2.81 -17.21
C LEU D 189 -19.07 1.63 -16.86
N TRP D 190 -19.65 0.99 -17.86
CA TRP D 190 -20.38 -0.25 -17.66
C TRP D 190 -19.59 -1.46 -18.12
N PHE D 191 -18.28 -1.30 -18.31
CA PHE D 191 -17.38 -2.40 -18.65
C PHE D 191 -17.52 -3.58 -17.70
N ASN D 192 -18.10 -4.68 -18.20
CA ASN D 192 -18.36 -5.90 -17.42
C ASN D 192 -19.28 -5.68 -16.22
N VAL D 193 -20.00 -4.57 -16.19
CA VAL D 193 -20.90 -4.25 -15.08
C VAL D 193 -22.26 -4.87 -15.35
N ASN D 194 -22.77 -5.62 -14.38
CA ASN D 194 -24.10 -6.23 -14.48
C ASN D 194 -25.17 -5.26 -13.99
N GLY D 195 -26.06 -4.83 -14.89
CA GLY D 195 -27.07 -3.82 -14.54
C GLY D 195 -28.05 -4.28 -13.47
N SER D 196 -28.44 -5.55 -13.49
CA SER D 196 -29.33 -6.04 -12.46
C SER D 196 -28.69 -5.95 -11.07
N GLN D 197 -27.39 -6.26 -10.97
CA GLN D 197 -26.69 -6.17 -9.71
C GLN D 197 -26.55 -4.72 -9.24
N VAL D 198 -26.24 -3.81 -10.15
CA VAL D 198 -26.18 -2.39 -9.80
C VAL D 198 -27.50 -1.96 -9.18
N TYR D 199 -28.59 -2.26 -9.88
CA TYR D 199 -29.92 -1.88 -9.42
C TYR D 199 -30.23 -2.47 -8.06
N HIS D 200 -30.05 -3.79 -7.91
CA HIS D 200 -30.41 -4.41 -6.65
C HIS D 200 -29.48 -4.01 -5.52
N ASP D 201 -28.17 -3.88 -5.80
CA ASP D 201 -27.23 -3.39 -4.80
C ASP D 201 -27.70 -2.07 -4.22
N ILE D 202 -28.00 -1.10 -5.08
CA ILE D 202 -28.34 0.24 -4.60
C ILE D 202 -29.71 0.25 -3.93
N TYR D 203 -30.73 -0.36 -4.56
CA TYR D 203 -32.07 -0.21 -4.04
C TYR D 203 -32.38 -1.14 -2.88
N ASP D 204 -31.79 -2.35 -2.87
CA ASP D 204 -32.01 -3.23 -1.71
C ASP D 204 -31.44 -2.63 -0.43
N ARG D 205 -30.48 -1.71 -0.54
CA ARG D 205 -29.74 -1.21 0.61
C ARG D 205 -30.25 0.14 1.16
N ASN D 206 -31.15 0.85 0.47
CA ASN D 206 -31.71 2.09 1.03
CA ASN D 206 -31.68 2.14 0.93
C ASN D 206 -33.18 2.22 0.62
N ALA D 207 -34.04 1.91 1.60
CA ALA D 207 -35.48 1.98 1.37
C ALA D 207 -35.94 3.38 0.97
N GLY D 208 -35.22 4.42 1.41
CA GLY D 208 -35.63 5.78 1.11
C GLY D 208 -35.61 6.11 -0.37
N PHE D 209 -34.78 5.42 -1.14
CA PHE D 209 -34.73 5.68 -2.57
C PHE D 209 -35.98 5.19 -3.29
N HIS D 210 -36.78 4.33 -2.65
CA HIS D 210 -37.99 3.83 -3.27
C HIS D 210 -39.14 4.82 -3.21
N ASN D 211 -38.98 5.91 -2.47
CA ASN D 211 -40.07 6.87 -2.35
C ASN D 211 -40.39 7.45 -3.72
N LYS D 212 -41.68 7.45 -4.07
CA LYS D 212 -42.13 7.87 -5.40
C LYS D 212 -41.80 9.33 -5.71
N GLU D 213 -41.41 10.13 -4.72
CA GLU D 213 -41.06 11.52 -4.97
C GLU D 213 -39.55 11.74 -4.98
N ILE D 214 -38.76 10.68 -4.97
CA ILE D 214 -37.29 10.74 -4.87
C ILE D 214 -36.65 10.05 -6.06
N GLY D 215 -35.75 10.75 -6.77
CA GLY D 215 -34.85 10.08 -7.69
C GLY D 215 -35.52 9.25 -8.78
N ARG D 216 -36.54 9.82 -9.44
CA ARG D 216 -37.38 9.05 -10.35
C ARG D 216 -36.69 8.77 -11.70
N LEU D 217 -35.90 9.70 -12.22
CA LEU D 217 -35.19 9.37 -13.46
C LEU D 217 -33.98 8.49 -13.20
N LEU D 218 -33.28 8.70 -12.09
CA LEU D 218 -32.26 7.74 -11.69
C LEU D 218 -32.86 6.34 -11.58
N TYR D 219 -34.05 6.24 -10.96
CA TYR D 219 -34.73 4.96 -10.86
C TYR D 219 -35.03 4.38 -12.24
N ALA D 220 -35.59 5.21 -13.15
CA ALA D 220 -35.96 4.70 -14.47
C ALA D 220 -34.75 4.20 -15.25
N PHE D 221 -33.65 4.94 -15.19
CA PHE D 221 -32.41 4.54 -15.86
C PHE D 221 -31.92 3.20 -15.34
N MET D 222 -31.84 3.07 -14.02
CA MET D 222 -31.32 1.81 -13.47
C MET D 222 -32.29 0.66 -13.64
N TYR D 223 -33.60 0.92 -13.57
CA TYR D 223 -34.56 -0.17 -13.74
C TYR D 223 -34.48 -0.76 -15.13
N TYR D 224 -34.47 0.07 -16.17
CA TYR D 224 -34.36 -0.41 -17.53
C TYR D 224 -33.08 -1.21 -17.73
N LEU D 225 -31.95 -0.70 -17.21
CA LEU D 225 -30.71 -1.45 -17.32
C LEU D 225 -30.73 -2.72 -16.48
N SER D 226 -31.59 -2.79 -15.45
CA SER D 226 -31.70 -4.04 -14.69
C SER D 226 -32.42 -5.12 -15.47
N ILE D 227 -33.24 -4.77 -16.46
CA ILE D 227 -33.97 -5.77 -17.22
C ILE D 227 -33.44 -5.92 -18.66
N SER D 228 -32.51 -5.08 -19.10
CA SER D 228 -31.98 -5.16 -20.46
C SER D 228 -30.47 -5.02 -20.41
N GLY D 229 -29.74 -6.13 -20.59
CA GLY D 229 -28.28 -6.09 -20.51
C GLY D 229 -27.62 -5.49 -21.73
N ARG D 230 -26.35 -5.12 -21.56
CA ARG D 230 -25.60 -4.42 -22.61
C ARG D 230 -25.53 -5.25 -23.90
N PHE D 231 -25.25 -6.55 -23.78
CA PHE D 231 -25.05 -7.40 -24.96
C PHE D 231 -26.12 -8.48 -24.98
N LEU D 232 -27.09 -8.35 -25.90
CA LEU D 232 -28.24 -9.25 -25.98
C LEU D 232 -28.03 -10.42 -26.93
N ASN D 233 -26.87 -10.52 -27.56
CA ASN D 233 -26.55 -11.55 -28.55
C ASN D 233 -27.69 -11.76 -29.53
N ASP D 234 -28.21 -12.99 -29.66
CA ASP D 234 -29.17 -13.26 -30.72
C ASP D 234 -30.48 -12.51 -30.56
N PHE D 235 -30.74 -11.91 -29.39
CA PHE D 235 -31.97 -11.18 -29.17
C PHE D 235 -31.83 -9.69 -29.44
N ALA D 236 -30.61 -9.24 -29.78
CA ALA D 236 -30.42 -7.83 -30.10
C ALA D 236 -31.22 -7.48 -31.34
N LEU D 237 -31.96 -6.37 -31.28
CA LEU D 237 -32.62 -5.82 -32.46
C LEU D 237 -31.93 -4.56 -32.96
N LEU D 238 -31.22 -3.84 -32.09
CA LEU D 238 -30.49 -2.62 -32.40
C LEU D 238 -29.11 -2.70 -31.76
N LYS D 239 -28.15 -2.05 -32.39
CA LYS D 239 -26.81 -1.87 -31.83
C LYS D 239 -26.32 -0.45 -32.10
N PHE D 240 -25.90 0.24 -31.05
CA PHE D 240 -25.24 1.55 -31.11
C PHE D 240 -23.74 1.36 -30.93
N THR D 241 -22.94 2.15 -31.67
CA THR D 241 -21.50 2.17 -31.43
C THR D 241 -21.01 3.61 -31.47
N TYR D 242 -20.23 4.00 -30.45
CA TYR D 242 -19.56 5.30 -30.42
C TYR D 242 -18.14 5.06 -29.96
N LEU D 243 -17.16 5.45 -30.80
CA LEU D 243 -15.73 5.28 -30.48
C LEU D 243 -15.43 3.86 -30.00
N GLY D 244 -16.00 2.87 -30.67
CA GLY D 244 -15.73 1.48 -30.35
C GLY D 244 -16.52 0.92 -29.19
N GLU D 245 -17.27 1.74 -28.46
CA GLU D 245 -18.13 1.28 -27.36
C GLU D 245 -19.50 0.93 -27.92
N SER D 246 -19.89 -0.34 -27.82
CA SER D 246 -21.14 -0.81 -28.39
C SER D 246 -22.15 -1.13 -27.29
N TRP D 247 -23.42 -1.12 -27.68
CA TRP D 247 -24.54 -1.40 -26.80
C TRP D 247 -25.68 -1.93 -27.66
N THR D 248 -26.44 -2.91 -27.16
CA THR D 248 -27.55 -3.46 -27.91
C THR D 248 -28.85 -3.28 -27.15
N PHE D 249 -29.96 -3.29 -27.91
CA PHE D 249 -31.30 -3.07 -27.38
C PHE D 249 -32.27 -4.00 -28.10
N SER D 250 -33.36 -4.36 -27.41
CA SER D 250 -34.46 -5.10 -28.01
C SER D 250 -35.81 -4.54 -27.59
N LEU D 251 -35.83 -3.35 -27.01
CA LEU D 251 -37.04 -2.67 -26.58
C LEU D 251 -37.00 -1.29 -27.18
N SER D 252 -38.05 -0.51 -27.00
CA SER D 252 -37.91 0.92 -27.22
C SER D 252 -36.78 1.45 -26.33
N VAL D 253 -36.13 2.52 -26.75
CA VAL D 253 -34.96 3.07 -26.09
C VAL D 253 -35.29 4.52 -25.67
N PRO D 254 -35.67 4.71 -24.40
CA PRO D 254 -36.06 6.06 -23.95
C PRO D 254 -34.88 7.02 -23.97
N GLU D 255 -35.24 8.31 -24.05
CA GLU D 255 -34.23 9.36 -24.03
CA GLU D 255 -34.25 9.38 -24.01
C GLU D 255 -33.39 9.30 -22.76
N TYR D 256 -33.99 8.94 -21.61
CA TYR D 256 -33.15 8.90 -20.42
C TYR D 256 -32.09 7.81 -20.52
N ILE D 257 -32.29 6.79 -21.36
CA ILE D 257 -31.24 5.80 -21.60
C ILE D 257 -30.17 6.35 -22.51
N LEU D 258 -30.55 6.96 -23.64
CA LEU D 258 -29.53 7.43 -24.56
C LEU D 258 -28.76 8.61 -23.95
N TYR D 259 -29.48 9.54 -23.34
CA TYR D 259 -28.83 10.63 -22.61
C TYR D 259 -27.96 10.10 -21.48
N GLY D 260 -28.50 9.17 -20.68
CA GLY D 260 -27.75 8.65 -19.54
C GLY D 260 -26.47 7.93 -19.93
N LEU D 261 -26.50 7.16 -21.00
CA LEU D 261 -25.32 6.39 -21.43
C LEU D 261 -24.37 7.20 -22.30
N GLY D 262 -24.80 8.36 -22.81
CA GLY D 262 -23.96 9.15 -23.71
C GLY D 262 -24.01 8.77 -25.17
N TYR D 263 -25.07 8.08 -25.61
CA TYR D 263 -25.24 7.73 -27.01
C TYR D 263 -26.09 8.77 -27.75
N SER D 264 -25.87 8.86 -29.05
CA SER D 264 -26.55 9.81 -29.92
C SER D 264 -27.25 9.08 -31.06
N VAL D 265 -28.40 9.61 -31.48
CA VAL D 265 -29.05 9.07 -32.67
C VAL D 265 -28.24 9.35 -33.93
N PHE D 266 -27.18 10.15 -33.83
CA PHE D 266 -26.24 10.28 -34.94
C PHE D 266 -25.07 9.30 -34.86
N ASP D 267 -25.01 8.43 -33.85
CA ASP D 267 -23.96 7.43 -33.83
C ASP D 267 -24.23 6.33 -34.86
N THR D 268 -23.35 5.32 -34.89
CA THR D 268 -23.55 4.14 -35.73
C THR D 268 -24.66 3.28 -35.12
N ILE D 269 -25.77 3.14 -35.85
CA ILE D 269 -26.91 2.34 -35.42
C ILE D 269 -27.14 1.22 -36.42
N GLU D 270 -27.17 -0.02 -35.94
CA GLU D 270 -27.41 -1.17 -36.81
C GLU D 270 -28.71 -1.83 -36.40
N LYS D 271 -29.55 -2.17 -37.39
CA LYS D 271 -30.78 -2.92 -37.20
C LYS D 271 -30.57 -4.39 -37.58
N PHE D 272 -31.02 -5.30 -36.71
CA PHE D 272 -30.91 -6.72 -36.98
C PHE D 272 -32.25 -7.36 -37.34
N SER D 273 -33.33 -6.59 -37.37
CA SER D 273 -34.63 -7.09 -37.80
C SER D 273 -35.24 -6.08 -38.78
N ASN D 274 -36.37 -6.48 -39.36
CA ASN D 274 -37.15 -5.60 -40.23
C ASN D 274 -38.24 -4.85 -39.48
N ASP D 275 -38.12 -4.75 -38.16
CA ASP D 275 -39.05 -3.99 -37.35
C ASP D 275 -38.90 -2.50 -37.61
N ALA D 276 -40.03 -1.79 -37.70
CA ALA D 276 -39.99 -0.34 -37.78
C ALA D 276 -39.47 0.27 -36.48
N ILE D 277 -38.66 1.33 -36.61
CA ILE D 277 -38.28 2.16 -35.49
C ILE D 277 -38.58 3.61 -35.84
N LEU D 278 -38.99 4.37 -34.85
CA LEU D 278 -39.17 5.82 -34.97
C LEU D 278 -38.04 6.46 -34.20
N VAL D 279 -37.18 7.19 -34.91
CA VAL D 279 -36.01 7.80 -34.30
C VAL D 279 -36.32 9.29 -34.15
N TYR D 280 -36.64 9.71 -32.92
CA TYR D 280 -36.92 11.12 -32.64
C TYR D 280 -35.62 11.92 -32.54
N ILE D 281 -35.54 13.05 -33.26
CA ILE D 281 -34.29 13.78 -33.34
C ILE D 281 -34.40 15.24 -32.93
N ARG D 282 -35.59 15.85 -32.89
CA ARG D 282 -35.67 17.27 -32.59
C ARG D 282 -37.08 17.69 -32.24
N THR D 283 -37.19 18.75 -31.44
CA THR D 283 -38.48 19.40 -31.25
C THR D 283 -38.83 20.19 -32.51
N ASN D 284 -40.12 20.42 -32.70
CA ASN D 284 -40.59 21.15 -33.88
C ASN D 284 -41.33 22.41 -33.42
N ASN D 285 -41.92 23.15 -34.37
CA ASN D 285 -42.52 24.43 -34.00
C ASN D 285 -44.03 24.33 -33.76
N ARG D 286 -44.56 23.14 -33.50
CA ARG D 286 -45.98 23.02 -33.18
C ARG D 286 -46.17 22.19 -31.93
N ASN D 287 -45.25 22.37 -30.98
CA ASN D 287 -45.28 21.74 -29.67
C ASN D 287 -45.12 20.23 -29.74
N GLY D 288 -44.48 19.74 -30.79
CA GLY D 288 -44.24 18.31 -30.92
C GLY D 288 -42.81 17.97 -31.28
N TYR D 289 -42.63 16.81 -31.90
CA TYR D 289 -41.33 16.21 -32.19
C TYR D 289 -41.30 15.72 -33.63
N ASP D 290 -40.12 15.78 -34.24
CA ASP D 290 -39.90 15.23 -35.57
C ASP D 290 -39.08 13.96 -35.44
N TYR D 291 -39.44 12.94 -36.22
CA TYR D 291 -38.77 11.66 -36.16
C TYR D 291 -38.49 11.15 -37.56
N VAL D 292 -37.49 10.27 -37.64
CA VAL D 292 -37.12 9.58 -38.86
C VAL D 292 -37.47 8.11 -38.68
N GLU D 293 -38.11 7.51 -39.68
CA GLU D 293 -38.49 6.10 -39.64
C GLU D 293 -37.45 5.27 -40.38
N PHE D 294 -37.07 4.14 -39.80
CA PHE D 294 -36.25 3.13 -40.47
C PHE D 294 -36.94 1.79 -40.35
N ASN D 295 -36.64 0.89 -41.30
CA ASN D 295 -37.33 -0.39 -41.37
C ASN D 295 -36.40 -1.57 -41.64
N LYS D 296 -35.56 -1.49 -42.67
CA LYS D 296 -34.80 -2.66 -43.10
C LYS D 296 -33.66 -2.98 -42.12
N LYS D 297 -33.15 -4.20 -42.24
CA LYS D 297 -31.91 -4.55 -41.57
C LYS D 297 -30.75 -3.73 -42.12
N GLY D 298 -29.76 -3.44 -41.27
CA GLY D 298 -28.57 -2.77 -41.73
C GLY D 298 -28.36 -1.46 -41.01
N ILE D 299 -27.53 -0.58 -41.55
CA ILE D 299 -27.16 0.66 -40.87
C ILE D 299 -28.28 1.68 -41.05
N ALA D 300 -28.72 2.28 -39.94
CA ALA D 300 -29.77 3.31 -39.94
C ALA D 300 -29.07 4.66 -39.75
N LYS D 301 -28.94 5.44 -40.82
CA LYS D 301 -28.16 6.66 -40.77
C LYS D 301 -29.10 7.86 -40.85
N VAL D 302 -29.10 8.67 -39.79
CA VAL D 302 -29.83 9.95 -39.79
C VAL D 302 -28.99 10.96 -40.57
N THR D 303 -29.54 11.50 -41.65
CA THR D 303 -28.78 12.44 -42.48
C THR D 303 -29.26 13.88 -42.35
N GLU D 304 -30.29 14.15 -41.52
CA GLU D 304 -30.65 15.52 -41.16
C GLU D 304 -29.49 16.21 -40.46
N ASP D 305 -29.46 17.54 -40.55
CA ASP D 305 -28.53 18.34 -39.76
C ASP D 305 -28.67 18.02 -38.28
N LYS D 306 -27.57 18.05 -37.57
CA LYS D 306 -27.62 17.88 -36.11
C LYS D 306 -28.31 19.07 -35.49
N PRO D 307 -29.42 18.88 -34.76
CA PRO D 307 -30.11 20.03 -34.14
C PRO D 307 -29.24 20.66 -33.04
N ASP D 308 -29.52 21.93 -32.75
N ASP D 308 -29.52 21.94 -32.76
CA ASP D 308 -28.81 22.60 -31.67
CA ASP D 308 -28.88 22.65 -31.66
C ASP D 308 -29.25 22.03 -30.31
C ASP D 308 -29.27 22.05 -30.31
N ASN D 309 -28.56 22.48 -29.26
CA ASN D 309 -28.81 21.94 -27.92
C ASN D 309 -30.22 22.23 -27.43
N ASP D 310 -30.81 23.37 -27.85
CA ASP D 310 -32.19 23.71 -27.54
C ASP D 310 -33.18 22.64 -28.00
N LYS D 311 -32.89 22.03 -29.14
CA LYS D 311 -33.93 21.26 -29.83
C LYS D 311 -33.61 19.77 -29.93
N ARG D 312 -32.38 19.36 -29.69
CA ARG D 312 -31.98 18.00 -30.01
C ARG D 312 -32.64 16.98 -29.07
N ILE D 313 -33.02 15.84 -29.62
CA ILE D 313 -33.62 14.72 -28.90
C ILE D 313 -32.86 13.48 -29.30
N HIS D 314 -32.74 12.51 -28.39
CA HIS D 314 -32.29 11.17 -28.73
C HIS D 314 -33.26 10.16 -28.13
N ALA D 315 -34.05 9.49 -28.96
CA ALA D 315 -35.03 8.53 -28.46
C ALA D 315 -35.49 7.63 -29.60
N ILE D 316 -35.76 6.37 -29.30
CA ILE D 316 -36.22 5.43 -30.32
C ILE D 316 -37.42 4.66 -29.81
N ARG D 317 -38.51 4.69 -30.58
CA ARG D 317 -39.63 3.79 -30.38
C ARG D 317 -39.46 2.59 -31.30
N LEU D 318 -39.45 1.39 -30.72
CA LEU D 318 -39.41 0.15 -31.48
C LEU D 318 -40.82 -0.40 -31.62
N ILE D 319 -41.22 -0.73 -32.85
CA ILE D 319 -42.55 -1.25 -33.15
C ILE D 319 -42.41 -2.69 -33.61
N ASN D 320 -42.93 -3.63 -32.82
CA ASN D 320 -43.05 -5.00 -33.30
C ASN D 320 -44.15 -5.69 -32.50
N ASP D 321 -44.38 -6.97 -32.78
CA ASP D 321 -45.51 -7.69 -32.23
C ASP D 321 -45.09 -8.70 -31.15
N SER D 322 -43.88 -8.57 -30.62
CA SER D 322 -43.32 -9.58 -29.72
C SER D 322 -42.76 -8.99 -28.43
N THR D 323 -42.99 -7.72 -28.15
CA THR D 323 -42.48 -7.10 -26.93
C THR D 323 -43.34 -7.48 -25.75
N ASP D 324 -42.70 -7.90 -24.66
CA ASP D 324 -43.40 -8.20 -23.42
C ASP D 324 -44.30 -7.05 -23.04
N VAL D 325 -45.58 -7.35 -22.80
CA VAL D 325 -46.56 -6.31 -22.46
C VAL D 325 -46.09 -5.44 -21.31
N GLN D 326 -45.32 -6.00 -20.38
CA GLN D 326 -44.90 -5.17 -19.26
C GLN D 326 -43.81 -4.17 -19.65
N HIS D 327 -43.26 -4.27 -20.86
CA HIS D 327 -42.19 -3.37 -21.29
C HIS D 327 -42.61 -2.44 -22.42
N ILE D 328 -43.85 -2.54 -22.91
CA ILE D 328 -44.24 -1.70 -24.04
C ILE D 328 -44.25 -0.23 -23.64
N HIS D 329 -44.52 0.08 -22.36
CA HIS D 329 -44.64 1.48 -21.98
C HIS D 329 -43.34 2.28 -22.15
N PHE D 330 -42.16 1.62 -22.25
CA PHE D 330 -40.93 2.39 -22.48
C PHE D 330 -41.00 3.20 -23.77
N GLY D 331 -41.80 2.77 -24.75
CA GLY D 331 -41.92 3.51 -25.98
C GLY D 331 -43.04 4.52 -26.04
N PHE D 332 -43.88 4.59 -25.00
CA PHE D 332 -44.97 5.57 -25.00
C PHE D 332 -44.40 6.99 -25.16
N ARG D 333 -45.10 7.82 -25.92
CA ARG D 333 -44.54 9.09 -26.37
C ARG D 333 -43.98 9.93 -25.22
N ASN D 334 -44.74 10.07 -24.14
CA ASN D 334 -44.39 11.04 -23.11
C ASN D 334 -43.50 10.45 -22.03
N MET D 335 -43.11 9.19 -22.18
CA MET D 335 -42.07 8.51 -21.42
C MET D 335 -40.78 8.34 -22.20
N VAL D 336 -40.89 7.99 -23.48
CA VAL D 336 -39.71 7.76 -24.31
C VAL D 336 -38.97 9.07 -24.57
N ILE D 337 -39.64 10.21 -24.42
CA ILE D 337 -39.01 11.53 -24.50
C ILE D 337 -39.21 12.24 -23.17
N ILE D 338 -38.14 12.83 -22.64
CA ILE D 338 -38.20 13.47 -21.31
C ILE D 338 -38.95 14.80 -21.44
N ASP D 339 -40.00 14.94 -20.65
CA ASP D 339 -40.79 16.16 -20.70
C ASP D 339 -39.94 17.36 -20.31
N ASN D 340 -40.10 18.49 -21.03
CA ASN D 340 -39.30 19.65 -20.65
C ASN D 340 -39.95 20.43 -19.51
N GLU D 341 -41.19 20.13 -19.17
CA GLU D 341 -41.81 20.66 -17.96
C GLU D 341 -41.55 19.66 -16.83
N CYS D 342 -40.71 20.04 -15.85
CA CYS D 342 -40.12 19.05 -14.95
C CYS D 342 -41.18 18.23 -14.23
N ALA D 343 -42.23 18.90 -13.73
CA ALA D 343 -43.21 18.19 -12.90
C ALA D 343 -43.95 17.10 -13.67
N ASN D 344 -43.94 17.14 -15.00
CA ASN D 344 -44.68 16.20 -15.85
C ASN D 344 -43.84 15.06 -16.42
N ILE D 345 -42.57 14.98 -16.03
CA ILE D 345 -41.72 13.88 -16.49
C ILE D 345 -42.29 12.55 -16.04
N GLN D 346 -42.28 11.57 -16.95
CA GLN D 346 -42.81 10.24 -16.64
C GLN D 346 -41.66 9.25 -16.43
N SER D 347 -41.91 8.23 -15.59
CA SER D 347 -40.79 7.38 -15.20
C SER D 347 -41.20 5.95 -14.85
N SER D 348 -42.45 5.57 -15.05
CA SER D 348 -42.84 4.18 -14.79
C SER D 348 -44.12 3.88 -15.55
N ALA D 349 -44.51 2.60 -15.53
CA ALA D 349 -45.76 2.19 -16.16
C ALA D 349 -46.96 2.84 -15.51
N GLU D 350 -46.83 3.31 -14.27
CA GLU D 350 -47.97 3.93 -13.60
C GLU D 350 -48.24 5.34 -14.07
N ASN D 351 -47.32 5.96 -14.81
CA ASN D 351 -47.63 7.30 -15.28
C ASN D 351 -47.23 7.55 -16.73
N ALA D 352 -46.76 6.53 -17.48
CA ALA D 352 -46.49 6.71 -18.90
C ALA D 352 -47.79 6.92 -19.67
N THR D 353 -47.81 7.91 -20.56
CA THR D 353 -48.95 8.14 -21.45
C THR D 353 -48.44 8.23 -22.89
N ASP D 354 -49.39 8.11 -23.83
CA ASP D 354 -49.09 7.90 -25.24
C ASP D 354 -49.88 8.88 -26.11
N THR D 355 -50.27 10.03 -25.54
CA THR D 355 -51.02 11.07 -26.22
C THR D 355 -50.04 12.08 -26.82
N GLY D 356 -50.53 12.87 -27.77
CA GLY D 356 -49.73 13.96 -28.30
C GLY D 356 -49.24 13.77 -29.71
N HIS D 357 -49.44 12.59 -30.32
CA HIS D 357 -48.87 12.27 -31.63
C HIS D 357 -49.30 13.23 -32.73
N HIS D 358 -50.47 13.86 -32.59
CA HIS D 358 -50.93 14.82 -33.58
C HIS D 358 -49.88 15.91 -33.84
N GLN D 359 -49.11 16.24 -32.83
CA GLN D 359 -48.16 17.35 -32.87
C GLN D 359 -46.85 16.99 -33.58
N ASP D 360 -46.67 15.72 -33.95
CA ASP D 360 -45.38 15.21 -34.40
C ASP D 360 -45.38 15.00 -35.90
N SER D 361 -44.19 14.90 -36.49
CA SER D 361 -44.08 14.75 -37.93
C SER D 361 -42.99 13.74 -38.31
N LYS D 362 -43.32 12.89 -39.27
CA LYS D 362 -42.36 12.01 -39.94
C LYS D 362 -41.55 12.82 -40.96
N ILE D 363 -40.24 12.83 -40.80
CA ILE D 363 -39.36 13.68 -41.61
C ILE D 363 -39.13 13.09 -43.00
N ASN D 364 -38.83 11.80 -43.07
CA ASN D 364 -38.21 11.15 -44.25
C ASN D 364 -38.47 11.80 -45.61
#